data_6SBB
#
_entry.id   6SBB
#
_cell.length_a   48.460
_cell.length_b   48.580
_cell.length_c   77.990
_cell.angle_alpha   89.040
_cell.angle_beta   99.970
_cell.angle_gamma   101.860
#
_symmetry.space_group_name_H-M   'P 1'
#
loop_
_entity.id
_entity.type
_entity.pdbx_description
1 polymer MstE
2 non-polymer DI(HYDROXYETHYL)ETHER
3 non-polymer 1-ETHOXY-2-(2-ETHOXYETHOXY)ETHANE
4 non-polymer 2-AMINO-2-HYDROXYMETHYL-PROPANE-1,3-DIOL
5 water water
#
_entity_poly.entity_id   1
_entity_poly.type   'polypeptide(L)'
_entity_poly.pdbx_seq_one_letter_code
;GSTLQPLENSTRQEKLLYPKLNQLSNSINAAVAFLLEARNLEGWWQDFNFPQAASIGDEWVTAYVGTMLATLPYAHVHEA
LMQAWELLKIRDHRPTGEWGYNYILCGDADTTGWALQLAAAVGASDSERAQQARAALATHLQPNGGIATFAEESIRAYIK
VPDLANVSFQGWCGAHTCVSAAVAALPEFRSRLHDYLRVTQTSQGNWEGYWWSDHEYTTALTAEALAAGGQAADQPSIEQ
AVAWGLKRLCPQGFVATSKHPNGSTFATAWCLRLLLLNTVDAEVKAARAAAIGWLLEQQRPNGSWVSSAYLRIPYPFDRN
PNQFPHWRYYDEIEGDKRFEGSIIFDHNSIFTTATVVNSLVKAAPML
;
_entity_poly.pdbx_strand_id   A,B
#
# COMPACT_ATOMS: atom_id res chain seq x y z
N LEU A 21 2.98 19.97 -5.23
CA LEU A 21 2.87 18.48 -5.09
C LEU A 21 4.16 17.76 -5.47
N ASN A 22 4.86 18.27 -6.48
CA ASN A 22 6.18 17.76 -6.90
C ASN A 22 7.21 17.79 -5.76
N GLN A 23 7.22 18.89 -5.01
CA GLN A 23 8.06 19.02 -3.80
C GLN A 23 7.71 17.96 -2.74
N LEU A 24 6.42 17.82 -2.45
CA LEU A 24 5.91 16.80 -1.52
C LEU A 24 6.33 15.39 -1.90
N SER A 25 6.18 15.06 -3.18
CA SER A 25 6.53 13.74 -3.70
C SER A 25 8.01 13.41 -3.49
N ASN A 26 8.87 14.38 -3.82
CA ASN A 26 10.32 14.23 -3.62
C ASN A 26 10.67 14.07 -2.14
N SER A 27 10.00 14.85 -1.29
CA SER A 27 10.19 14.78 0.16
C SER A 27 9.78 13.42 0.73
N ILE A 28 8.61 12.94 0.31
CA ILE A 28 8.09 11.64 0.76
C ILE A 28 9.01 10.50 0.28
N ASN A 29 9.37 10.53 -1.00
CA ASN A 29 10.25 9.50 -1.59
C ASN A 29 11.63 9.44 -0.94
N ALA A 30 12.20 10.61 -0.61
CA ALA A 30 13.48 10.66 0.09
C ALA A 30 13.39 10.09 1.50
N ALA A 31 12.28 10.36 2.19
CA ALA A 31 12.03 9.81 3.54
C ALA A 31 11.83 8.30 3.53
N VAL A 32 11.10 7.80 2.52
CA VAL A 32 10.90 6.36 2.35
C VAL A 32 12.23 5.64 2.09
N ALA A 33 13.07 6.24 1.24
CA ALA A 33 14.41 5.71 0.96
C ALA A 33 15.25 5.64 2.22
N PHE A 34 15.26 6.73 3.00
CA PHE A 34 15.98 6.76 4.29
C PHE A 34 15.53 5.63 5.20
N LEU A 35 14.21 5.52 5.39
CA LEU A 35 13.65 4.53 6.32
C LEU A 35 13.93 3.09 5.89
N LEU A 36 13.79 2.79 4.61
CA LEU A 36 14.09 1.42 4.11
C LEU A 36 15.58 1.07 4.23
N GLU A 37 16.45 2.02 3.91
CA GLU A 37 17.90 1.82 4.03
C GLU A 37 18.39 1.83 5.49
N ALA A 38 17.64 2.47 6.39
CA ALA A 38 18.01 2.53 7.81
C ALA A 38 17.76 1.23 8.60
N ARG A 39 17.11 0.24 8.00
CA ARG A 39 16.93 -1.06 8.65
C ARG A 39 18.27 -1.79 8.77
N ASN A 40 18.42 -2.62 9.80
CA ASN A 40 19.59 -3.51 9.91
C ASN A 40 19.46 -4.65 8.88
N LEU A 41 20.45 -5.54 8.83
CA LEU A 41 20.47 -6.57 7.78
C LEU A 41 19.33 -7.58 7.91
N GLU A 42 18.94 -7.92 9.14
CA GLU A 42 17.78 -8.79 9.40
C GLU A 42 16.44 -8.16 8.95
N GLY A 43 16.37 -6.83 8.97
CA GLY A 43 15.18 -6.09 8.53
C GLY A 43 14.50 -5.26 9.61
N TRP A 44 15.01 -5.30 10.84
CA TRP A 44 14.44 -4.50 11.94
C TRP A 44 14.71 -3.00 11.76
N TRP A 45 13.72 -2.18 12.12
CA TRP A 45 13.95 -0.78 12.44
C TRP A 45 14.30 -0.70 13.93
N GLN A 46 15.40 -0.01 14.25
CA GLN A 46 15.88 0.11 15.63
C GLN A 46 15.99 1.57 16.02
N ASP A 47 15.54 1.91 17.23
CA ASP A 47 15.70 3.27 17.75
C ASP A 47 15.51 3.33 19.27
N PHE A 48 15.90 4.46 19.85
CA PHE A 48 15.98 4.68 21.31
C PHE A 48 17.07 3.84 21.95
N ASN A 49 17.55 4.28 23.12
CA ASN A 49 18.64 3.60 23.80
C ASN A 49 18.60 3.88 25.30
N PHE A 50 18.62 2.81 26.09
CA PHE A 50 18.91 2.88 27.51
C PHE A 50 20.32 2.28 27.67
N PRO A 51 21.39 3.11 27.62
CA PRO A 51 22.75 2.55 27.64
C PRO A 51 23.05 1.74 28.90
N GLN A 52 23.60 0.55 28.71
CA GLN A 52 23.95 -0.38 29.79
C GLN A 52 22.75 -0.77 30.68
N ALA A 53 21.57 -0.86 30.07
CA ALA A 53 20.36 -1.32 30.75
C ALA A 53 19.43 -2.05 29.74
N ALA A 54 18.32 -1.45 29.33
CA ALA A 54 17.43 -2.06 28.33
C ALA A 54 18.01 -2.05 26.91
N SER A 55 18.99 -1.17 26.64
CA SER A 55 19.64 -1.02 25.32
C SER A 55 18.66 -0.51 24.24
N ILE A 56 18.80 -0.96 23.00
CA ILE A 56 18.09 -0.40 21.85
C ILE A 56 16.75 -1.11 21.60
N GLY A 57 15.71 -0.32 21.25
CA GLY A 57 14.39 -0.85 20.95
C GLY A 57 14.36 -1.39 19.53
N ASP A 58 13.64 -2.50 19.33
CA ASP A 58 13.43 -3.06 17.97
C ASP A 58 11.96 -3.45 17.71
N GLU A 59 11.37 -4.29 18.55
CA GLU A 59 9.99 -4.77 18.36
C GLU A 59 8.99 -3.62 18.32
N TRP A 60 9.03 -2.77 19.35
CA TRP A 60 8.18 -1.58 19.44
C TRP A 60 8.40 -0.60 18.28
N VAL A 61 9.66 -0.32 17.96
CA VAL A 61 9.99 0.64 16.90
C VAL A 61 9.52 0.12 15.53
N THR A 62 9.81 -1.15 15.26
CA THR A 62 9.45 -1.79 13.99
C THR A 62 7.93 -1.87 13.79
N ALA A 63 7.21 -2.21 14.85
CA ALA A 63 5.74 -2.21 14.81
C ALA A 63 5.17 -0.82 14.51
N TYR A 64 5.72 0.19 15.16
CA TYR A 64 5.29 1.58 14.98
C TYR A 64 5.63 2.11 13.59
N VAL A 65 6.87 1.92 13.15
CA VAL A 65 7.32 2.43 11.84
C VAL A 65 6.60 1.71 10.70
N GLY A 66 6.44 0.39 10.83
CA GLY A 66 5.64 -0.41 9.91
C GLY A 66 4.24 0.13 9.76
N THR A 67 3.60 0.40 10.90
CA THR A 67 2.25 1.01 10.94
C THR A 67 2.22 2.37 10.23
N MET A 68 3.19 3.24 10.53
CA MET A 68 3.28 4.56 9.89
C MET A 68 3.41 4.47 8.36
N LEU A 69 4.22 3.51 7.90
CA LEU A 69 4.47 3.31 6.47
C LEU A 69 3.34 2.60 5.71
N ALA A 70 2.37 2.01 6.42
CA ALA A 70 1.22 1.36 5.79
C ALA A 70 0.36 2.29 4.91
N THR A 71 0.43 3.59 5.17
CA THR A 71 -0.27 4.58 4.33
C THR A 71 0.34 4.80 2.93
N LEU A 72 1.56 4.30 2.68
CA LEU A 72 2.17 4.38 1.35
C LEU A 72 1.58 3.33 0.40
N PRO A 73 1.25 3.73 -0.86
CA PRO A 73 0.76 2.79 -1.86
C PRO A 73 1.89 2.21 -2.73
N TYR A 74 3.00 1.81 -2.12
CA TYR A 74 4.14 1.24 -2.83
C TYR A 74 4.29 -0.24 -2.51
N ALA A 75 4.58 -1.04 -3.55
CA ALA A 75 4.74 -2.48 -3.41
C ALA A 75 5.95 -2.83 -2.54
N HIS A 76 7.07 -2.15 -2.76
CA HIS A 76 8.30 -2.42 -2.01
C HIS A 76 8.24 -2.00 -0.53
N VAL A 77 7.35 -1.06 -0.21
CA VAL A 77 7.05 -0.72 1.19
C VAL A 77 6.21 -1.82 1.84
N HIS A 78 5.18 -2.30 1.14
CA HIS A 78 4.35 -3.41 1.65
C HIS A 78 5.18 -4.69 1.89
N GLU A 79 6.16 -4.94 1.01
CA GLU A 79 7.14 -6.04 1.21
C GLU A 79 7.95 -5.89 2.51
N ALA A 80 8.38 -4.65 2.80
CA ALA A 80 9.07 -4.34 4.05
C ALA A 80 8.18 -4.57 5.27
N LEU A 81 6.92 -4.15 5.17
CA LEU A 81 5.91 -4.42 6.22
C LEU A 81 5.67 -5.92 6.47
N MET A 82 5.60 -6.70 5.39
CA MET A 82 5.44 -8.16 5.52
C MET A 82 6.66 -8.82 6.19
N GLN A 83 7.86 -8.35 5.85
CA GLN A 83 9.09 -8.79 6.51
C GLN A 83 9.11 -8.40 7.99
N ALA A 84 8.66 -7.18 8.29
CA ALA A 84 8.54 -6.71 9.68
C ALA A 84 7.60 -7.58 10.51
N TRP A 85 6.49 -8.01 9.91
CA TRP A 85 5.56 -8.94 10.56
C TRP A 85 6.19 -10.32 10.81
N GLU A 86 6.96 -10.83 9.84
CA GLU A 86 7.70 -12.09 10.02
C GLU A 86 8.68 -12.02 11.19
N LEU A 87 9.39 -10.91 11.30
CA LEU A 87 10.32 -10.68 12.41
C LEU A 87 9.62 -10.66 13.77
N LEU A 88 8.47 -9.99 13.84
CA LEU A 88 7.64 -9.99 15.05
C LEU A 88 7.13 -11.39 15.42
N LYS A 89 6.73 -12.18 14.43
CA LYS A 89 6.30 -13.57 14.66
C LYS A 89 7.42 -14.45 15.25
N ILE A 90 8.67 -14.18 14.82
CA ILE A 90 9.85 -14.87 15.35
C ILE A 90 10.08 -14.55 16.84
N ARG A 91 9.72 -13.34 17.27
CA ARG A 91 9.76 -12.98 18.69
C ARG A 91 8.54 -13.55 19.42
N ASP A 92 8.57 -14.87 19.64
CA ASP A 92 7.48 -15.63 20.30
C ASP A 92 7.93 -16.19 21.65
N HIS A 93 8.92 -15.53 22.26
CA HIS A 93 9.56 -16.02 23.48
C HIS A 93 8.77 -15.77 24.76
N ARG A 94 7.80 -14.86 24.72
CA ARG A 94 6.96 -14.55 25.88
C ARG A 94 5.72 -15.46 25.89
N PRO A 95 5.40 -16.10 27.03
CA PRO A 95 4.27 -17.04 27.09
C PRO A 95 2.88 -16.44 26.85
N THR A 96 2.71 -15.13 27.12
CA THR A 96 1.45 -14.42 26.86
C THR A 96 1.22 -14.12 25.37
N GLY A 97 2.27 -14.17 24.56
CA GLY A 97 2.19 -13.79 23.16
C GLY A 97 2.36 -12.30 22.89
N GLU A 98 2.66 -11.53 23.94
CA GLU A 98 2.84 -10.09 23.82
C GLU A 98 4.18 -9.73 23.20
N TRP A 99 4.31 -8.48 22.76
CA TRP A 99 5.58 -7.90 22.35
C TRP A 99 5.97 -6.81 23.34
N GLY A 100 7.25 -6.41 23.30
CA GLY A 100 7.80 -5.38 24.20
C GLY A 100 8.78 -4.45 23.50
N TYR A 101 9.45 -3.60 24.29
CA TYR A 101 10.45 -2.64 23.78
C TYR A 101 11.49 -3.33 22.90
N ASN A 102 12.07 -4.40 23.43
CA ASN A 102 12.97 -5.28 22.67
C ASN A 102 12.93 -6.71 23.25
N TYR A 103 13.84 -7.58 22.83
CA TYR A 103 13.85 -8.98 23.29
C TYR A 103 13.86 -9.10 24.82
N ILE A 104 14.73 -8.33 25.46
CA ILE A 104 14.98 -8.48 26.92
C ILE A 104 13.91 -7.88 27.83
N LEU A 105 13.10 -6.96 27.30
CA LEU A 105 11.98 -6.40 28.07
C LEU A 105 10.80 -7.36 28.13
N CYS A 106 10.00 -7.23 29.18
CA CYS A 106 8.73 -7.95 29.29
C CYS A 106 7.72 -7.36 28.30
N GLY A 107 6.61 -8.06 28.13
CA GLY A 107 5.54 -7.61 27.26
C GLY A 107 4.87 -6.34 27.80
N ASP A 108 4.39 -5.51 26.88
CA ASP A 108 3.61 -4.31 27.26
C ASP A 108 2.48 -4.07 26.26
N ALA A 109 1.47 -3.34 26.71
CA ALA A 109 0.25 -3.13 25.95
C ALA A 109 0.42 -2.23 24.73
N ASP A 110 1.27 -1.19 24.86
CA ASP A 110 1.46 -0.24 23.76
C ASP A 110 2.10 -0.92 22.56
N THR A 111 3.23 -1.59 22.80
CA THR A 111 3.93 -2.36 21.77
C THR A 111 2.98 -3.36 21.11
N THR A 112 2.29 -4.14 21.93
CA THR A 112 1.34 -5.15 21.43
C THR A 112 0.26 -4.52 20.54
N GLY A 113 -0.22 -3.33 20.93
CA GLY A 113 -1.17 -2.58 20.13
C GLY A 113 -0.64 -2.22 18.75
N TRP A 114 0.56 -1.61 18.71
CA TRP A 114 1.18 -1.24 17.43
C TRP A 114 1.47 -2.46 16.54
N ALA A 115 1.89 -3.56 17.17
CA ALA A 115 2.09 -4.83 16.45
C ALA A 115 0.80 -5.34 15.79
N LEU A 116 -0.32 -5.21 16.50
CA LEU A 116 -1.63 -5.60 15.96
C LEU A 116 -2.12 -4.67 14.86
N GLN A 117 -1.76 -3.38 14.93
CA GLN A 117 -2.02 -2.44 13.81
C GLN A 117 -1.23 -2.86 12.57
N LEU A 118 0.03 -3.26 12.76
CA LEU A 118 0.83 -3.76 11.65
C LEU A 118 0.24 -5.07 11.09
N ALA A 119 -0.17 -5.97 11.98
CA ALA A 119 -0.87 -7.20 11.56
C ALA A 119 -2.05 -6.91 10.64
N ALA A 120 -2.84 -5.89 10.99
CA ALA A 120 -3.98 -5.45 10.16
C ALA A 120 -3.55 -5.01 8.76
N ALA A 121 -2.44 -4.27 8.66
CA ALA A 121 -1.91 -3.81 7.36
C ALA A 121 -1.49 -4.96 6.43
N VAL A 122 -0.94 -6.03 7.00
CA VAL A 122 -0.51 -7.21 6.22
C VAL A 122 -1.54 -8.38 6.24
N GLY A 123 -2.79 -8.10 6.65
CA GLY A 123 -3.87 -9.07 6.61
C GLY A 123 -3.76 -10.25 7.55
N ALA A 124 -3.07 -10.05 8.68
CA ALA A 124 -2.82 -11.11 9.67
C ALA A 124 -3.59 -10.93 10.98
N SER A 125 -4.69 -10.19 10.97
CA SER A 125 -5.47 -9.93 12.20
C SER A 125 -6.09 -11.20 12.80
N ASP A 126 -6.41 -12.17 11.95
CA ASP A 126 -6.96 -13.45 12.39
C ASP A 126 -5.93 -14.59 12.47
N SER A 127 -4.64 -14.26 12.36
CA SER A 127 -3.56 -15.22 12.59
C SER A 127 -3.58 -15.67 14.06
N GLU A 128 -3.02 -16.85 14.32
CA GLU A 128 -3.01 -17.42 15.67
C GLU A 128 -2.24 -16.55 16.67
N ARG A 129 -1.13 -15.97 16.23
CA ARG A 129 -0.35 -15.05 17.07
C ARG A 129 -1.12 -13.76 17.36
N ALA A 130 -1.79 -13.20 16.36
CA ALA A 130 -2.60 -11.99 16.54
C ALA A 130 -3.76 -12.21 17.52
N GLN A 131 -4.41 -13.37 17.43
CA GLN A 131 -5.48 -13.74 18.38
C GLN A 131 -4.94 -13.87 19.81
N GLN A 132 -3.80 -14.52 19.96
CA GLN A 132 -3.12 -14.66 21.26
C GLN A 132 -2.76 -13.29 21.84
N ALA A 133 -2.11 -12.46 21.03
CA ALA A 133 -1.72 -11.11 21.41
C ALA A 133 -2.92 -10.22 21.79
N ARG A 134 -4.01 -10.36 21.05
CA ARG A 134 -5.27 -9.63 21.31
C ARG A 134 -5.88 -10.01 22.66
N ALA A 135 -5.88 -11.30 22.97
CA ALA A 135 -6.35 -11.80 24.27
C ALA A 135 -5.51 -11.26 25.44
N ALA A 136 -4.19 -11.25 25.27
CA ALA A 136 -3.27 -10.67 26.26
C ALA A 136 -3.46 -9.16 26.43
N LEU A 137 -3.68 -8.46 25.32
CA LEU A 137 -3.95 -7.01 25.35
C LEU A 137 -5.23 -6.68 26.13
N ALA A 138 -6.26 -7.51 25.94
CA ALA A 138 -7.52 -7.36 26.67
C ALA A 138 -7.37 -7.45 28.20
N THR A 139 -6.42 -8.25 28.68
CA THR A 139 -6.20 -8.40 30.14
C THR A 139 -5.63 -7.14 30.81
N HIS A 140 -5.04 -6.25 30.03
CA HIS A 140 -4.54 -4.96 30.52
C HIS A 140 -5.64 -3.90 30.79
N LEU A 141 -6.88 -4.17 30.42
CA LEU A 141 -8.01 -3.25 30.67
C LEU A 141 -8.27 -3.16 32.17
N GLN A 142 -8.36 -1.93 32.68
CA GLN A 142 -8.51 -1.65 34.11
C GLN A 142 -9.98 -1.40 34.47
N PRO A 143 -10.31 -1.41 35.78
CA PRO A 143 -11.68 -1.07 36.24
C PRO A 143 -12.24 0.29 35.76
N ASN A 144 -11.36 1.28 35.53
CA ASN A 144 -11.79 2.60 35.01
C ASN A 144 -12.01 2.67 33.50
N GLY A 145 -11.80 1.56 32.78
CA GLY A 145 -12.03 1.48 31.34
C GLY A 145 -10.85 1.90 30.45
N GLY A 146 -9.69 2.16 31.07
CA GLY A 146 -8.46 2.49 30.33
C GLY A 146 -7.52 1.30 30.25
N ILE A 147 -6.48 1.43 29.42
CA ILE A 147 -5.46 0.37 29.26
C ILE A 147 -4.19 0.69 30.05
N ALA A 148 -3.68 -0.28 30.79
CA ALA A 148 -2.42 -0.15 31.52
C ALA A 148 -1.28 -0.73 30.67
N THR A 149 -0.12 -0.08 30.70
CA THR A 149 1.05 -0.50 29.90
C THR A 149 1.60 -1.84 30.36
N PHE A 150 1.87 -1.96 31.66
CA PHE A 150 2.48 -3.16 32.25
C PHE A 150 1.55 -3.84 33.24
N ALA A 151 1.65 -5.17 33.29
CA ALA A 151 1.13 -5.96 34.41
C ALA A 151 2.21 -5.93 35.49
N GLU A 152 1.80 -5.78 36.75
CA GLU A 152 2.75 -5.58 37.85
C GLU A 152 3.70 -6.76 38.02
N GLU A 153 3.15 -7.97 38.07
CA GLU A 153 3.96 -9.19 38.17
C GLU A 153 5.00 -9.36 37.04
N SER A 154 4.68 -8.86 35.83
CA SER A 154 5.60 -8.94 34.68
C SER A 154 6.77 -7.96 34.82
N ILE A 155 6.44 -6.68 35.02
CA ILE A 155 7.47 -5.62 35.12
C ILE A 155 8.33 -5.74 36.40
N ARG A 156 7.75 -6.23 37.49
CA ARG A 156 8.52 -6.52 38.71
C ARG A 156 9.61 -7.57 38.47
N ALA A 157 9.29 -8.60 37.69
CA ALA A 157 10.30 -9.65 37.42
C ALA A 157 11.45 -9.04 36.62
N TYR A 158 11.12 -8.28 35.58
CA TYR A 158 12.09 -7.68 34.62
C TYR A 158 13.01 -6.58 35.17
N ILE A 159 12.53 -5.63 35.97
CA ILE A 159 13.42 -4.51 36.38
C ILE A 159 14.34 -4.85 37.55
N LYS A 160 15.46 -4.11 37.65
CA LYS A 160 16.39 -4.27 38.75
C LYS A 160 16.61 -2.88 39.34
N VAL A 161 15.81 -2.55 40.34
CA VAL A 161 15.87 -1.26 41.04
C VAL A 161 16.03 -1.54 42.54
N PRO A 162 16.82 -0.71 43.26
CA PRO A 162 16.94 -0.93 44.70
C PRO A 162 15.62 -0.78 45.47
N ASP A 163 15.46 -1.57 46.52
CA ASP A 163 14.33 -1.48 47.44
C ASP A 163 12.96 -1.76 46.78
N LEU A 164 12.93 -2.76 45.90
CA LEU A 164 11.71 -3.09 45.14
C LEU A 164 10.49 -3.43 46.03
N ALA A 165 10.76 -4.00 47.21
CA ALA A 165 9.70 -4.32 48.19
C ALA A 165 8.97 -3.09 48.78
N ASN A 166 9.59 -1.92 48.73
CA ASN A 166 8.98 -0.67 49.20
C ASN A 166 8.69 0.34 48.09
N VAL A 167 8.67 -0.12 46.83
CA VAL A 167 8.38 0.72 45.67
C VAL A 167 7.01 0.34 45.12
N SER A 168 6.11 1.32 45.05
CA SER A 168 4.81 1.14 44.42
C SER A 168 4.95 1.25 42.90
N PHE A 169 4.15 0.47 42.18
CA PHE A 169 4.06 0.54 40.72
C PHE A 169 2.72 1.11 40.25
N GLN A 170 2.07 1.89 41.12
CA GLN A 170 0.80 2.56 40.84
C GLN A 170 0.81 3.40 39.55
N GLY A 171 1.96 4.03 39.25
CA GLY A 171 2.13 4.80 38.01
C GLY A 171 2.23 3.93 36.77
N TRP A 172 3.26 3.08 36.74
CA TRP A 172 3.55 2.21 35.57
C TRP A 172 2.47 1.16 35.27
N CYS A 173 1.69 0.77 36.27
CA CYS A 173 0.64 -0.26 36.11
C CYS A 173 -0.79 0.31 36.19
N GLY A 174 -0.92 1.63 36.29
CA GLY A 174 -2.22 2.29 36.16
C GLY A 174 -2.61 2.48 34.70
N ALA A 175 -3.86 2.86 34.47
CA ALA A 175 -4.35 3.14 33.11
C ALA A 175 -3.65 4.37 32.53
N HIS A 176 -3.23 4.28 31.27
CA HIS A 176 -2.49 5.36 30.59
C HIS A 176 -3.24 5.83 29.36
N THR A 177 -3.38 7.15 29.21
CA THR A 177 -4.18 7.74 28.14
C THR A 177 -3.49 7.66 26.78
N CYS A 178 -2.16 7.82 26.76
CA CYS A 178 -1.38 7.67 25.52
C CYS A 178 -1.51 6.26 24.92
N VAL A 179 -1.44 5.25 25.79
CA VAL A 179 -1.56 3.85 25.36
C VAL A 179 -3.00 3.53 24.94
N SER A 180 -3.96 3.99 25.75
CA SER A 180 -5.39 3.84 25.42
C SER A 180 -5.75 4.45 24.07
N ALA A 181 -5.21 5.63 23.78
CA ALA A 181 -5.45 6.32 22.50
C ALA A 181 -4.92 5.49 21.33
N ALA A 182 -3.72 4.95 21.47
CA ALA A 182 -3.10 4.10 20.45
C ALA A 182 -3.86 2.79 20.23
N VAL A 183 -4.19 2.12 21.33
CA VAL A 183 -4.94 0.85 21.29
C VAL A 183 -6.34 1.04 20.70
N ALA A 184 -6.94 2.21 20.92
CA ALA A 184 -8.26 2.56 20.37
C ALA A 184 -8.29 2.69 18.84
N ALA A 185 -7.12 2.74 18.18
CA ALA A 185 -7.03 2.63 16.73
C ALA A 185 -7.52 1.26 16.22
N LEU A 186 -7.41 0.23 17.06
CA LEU A 186 -7.95 -1.10 16.74
C LEU A 186 -9.46 -1.07 16.97
N PRO A 187 -10.27 -1.31 15.91
CA PRO A 187 -11.74 -1.22 16.05
C PRO A 187 -12.34 -2.08 17.16
N GLU A 188 -11.76 -3.25 17.42
CA GLU A 188 -12.27 -4.16 18.46
C GLU A 188 -12.03 -3.69 19.91
N PHE A 189 -11.16 -2.70 20.12
CA PHE A 189 -10.94 -2.10 21.45
C PHE A 189 -11.60 -0.71 21.63
N ARG A 190 -12.07 -0.12 20.53
CA ARG A 190 -12.60 1.25 20.52
C ARG A 190 -13.80 1.45 21.46
N SER A 191 -14.73 0.50 21.42
CA SER A 191 -15.92 0.54 22.29
C SER A 191 -15.60 0.42 23.78
N ARG A 192 -14.63 -0.44 24.12
CA ARG A 192 -14.23 -0.66 25.52
C ARG A 192 -13.56 0.59 26.11
N LEU A 193 -12.83 1.32 25.25
CA LEU A 193 -12.06 2.50 25.66
C LEU A 193 -12.79 3.83 25.49
N HIS A 194 -13.97 3.83 24.88
CA HIS A 194 -14.68 5.07 24.51
C HIS A 194 -14.90 6.03 25.69
N ASP A 195 -15.56 5.53 26.74
CA ASP A 195 -15.92 6.35 27.91
C ASP A 195 -14.69 6.90 28.67
N TYR A 196 -13.66 6.07 28.79
CA TYR A 196 -12.40 6.49 29.42
C TYR A 196 -11.74 7.65 28.65
N LEU A 197 -11.69 7.52 27.32
CA LEU A 197 -11.16 8.58 26.47
C LEU A 197 -11.99 9.87 26.53
N ARG A 198 -13.31 9.73 26.68
CA ARG A 198 -14.20 10.90 26.82
C ARG A 198 -13.95 11.66 28.12
N VAL A 199 -13.94 10.95 29.25
CA VAL A 199 -13.75 11.60 30.57
C VAL A 199 -12.39 12.28 30.76
N THR A 200 -11.35 11.76 30.10
CA THR A 200 -9.99 12.27 30.25
C THR A 200 -9.64 13.52 29.44
N GLN A 201 -10.53 13.97 28.56
CA GLN A 201 -10.31 15.21 27.80
C GLN A 201 -10.30 16.42 28.73
N THR A 202 -9.33 17.32 28.56
CA THR A 202 -9.23 18.53 29.39
C THR A 202 -10.24 19.58 28.94
N SER A 203 -10.40 20.62 29.75
CA SER A 203 -11.26 21.76 29.40
C SER A 203 -10.75 22.55 28.18
N GLN A 204 -9.45 22.46 27.90
CA GLN A 204 -8.85 23.12 26.72
C GLN A 204 -9.02 22.34 25.40
N GLY A 205 -9.56 21.13 25.45
CA GLY A 205 -9.81 20.30 24.26
C GLY A 205 -8.82 19.17 24.03
N ASN A 206 -7.71 19.16 24.76
CA ASN A 206 -6.63 18.19 24.55
C ASN A 206 -6.64 17.06 25.57
N TRP A 207 -5.80 16.06 25.30
CA TRP A 207 -5.49 14.98 26.24
C TRP A 207 -4.02 15.08 26.64
N GLU A 208 -3.70 14.56 27.82
CA GLU A 208 -2.33 14.46 28.32
C GLU A 208 -1.92 12.99 28.41
N GLY A 209 -0.72 12.67 27.90
CA GLY A 209 -0.19 11.31 27.93
C GLY A 209 0.61 11.00 29.19
N TYR A 210 1.08 9.75 29.29
CA TYR A 210 1.91 9.30 30.41
C TYR A 210 3.39 9.27 30.00
N TRP A 211 3.71 8.47 28.98
CA TRP A 211 5.09 8.24 28.57
C TRP A 211 5.68 9.33 27.66
N TRP A 212 4.85 10.25 27.15
CA TRP A 212 5.28 11.21 26.14
C TRP A 212 5.22 12.64 26.64
N SER A 213 6.25 13.42 26.29
CA SER A 213 6.29 14.85 26.61
C SER A 213 5.25 15.64 25.83
N ASP A 214 5.11 15.34 24.54
CA ASP A 214 4.26 16.12 23.64
C ASP A 214 2.81 15.64 23.66
N HIS A 215 1.91 16.51 24.12
CA HIS A 215 0.48 16.21 24.21
C HIS A 215 -0.21 16.02 22.84
N GLU A 216 0.43 16.50 21.77
CA GLU A 216 -0.08 16.38 20.40
C GLU A 216 -0.23 14.91 19.96
N TYR A 217 0.63 14.04 20.50
CA TYR A 217 0.59 12.59 20.24
C TYR A 217 -0.71 11.94 20.73
N THR A 218 -0.98 12.06 22.02
CA THR A 218 -2.18 11.50 22.65
C THR A 218 -3.47 12.17 22.16
N THR A 219 -3.41 13.48 21.92
CA THR A 219 -4.56 14.28 21.48
C THR A 219 -4.99 13.89 20.06
N ALA A 220 -4.02 13.79 19.14
CA ALA A 220 -4.30 13.36 17.77
C ALA A 220 -4.86 11.94 17.70
N LEU A 221 -4.23 11.01 18.43
CA LEU A 221 -4.66 9.61 18.43
C LEU A 221 -6.06 9.40 19.02
N THR A 222 -6.37 10.13 20.09
CA THR A 222 -7.70 10.05 20.69
C THR A 222 -8.77 10.63 19.76
N ALA A 223 -8.50 11.80 19.20
CA ALA A 223 -9.43 12.45 18.26
C ALA A 223 -9.69 11.60 17.01
N GLU A 224 -8.63 10.94 16.53
CA GLU A 224 -8.74 9.99 15.40
C GLU A 224 -9.62 8.78 15.72
N ALA A 225 -9.47 8.22 16.91
CA ALA A 225 -10.28 7.08 17.36
C ALA A 225 -11.75 7.44 17.45
N LEU A 226 -12.05 8.59 18.04
CA LEU A 226 -13.43 9.08 18.16
C LEU A 226 -14.05 9.40 16.80
N ALA A 227 -13.25 9.98 15.89
CA ALA A 227 -13.68 10.20 14.50
C ALA A 227 -13.97 8.89 13.76
N ALA A 228 -13.07 7.91 13.92
CA ALA A 228 -13.23 6.58 13.31
C ALA A 228 -14.49 5.86 13.80
N GLY A 229 -14.82 6.04 15.08
CA GLY A 229 -16.07 5.53 15.64
C GLY A 229 -17.31 6.11 14.98
N GLY A 230 -17.25 7.39 14.63
CA GLY A 230 -18.30 8.04 13.84
C GLY A 230 -19.59 8.35 14.57
N GLN A 231 -19.55 8.38 15.90
CA GLN A 231 -20.73 8.73 16.69
C GLN A 231 -20.98 10.23 16.57
N ALA A 232 -22.24 10.62 16.41
CA ALA A 232 -22.63 12.03 16.41
C ALA A 232 -22.32 12.69 17.75
N ALA A 233 -22.53 11.93 18.83
CA ALA A 233 -22.28 12.39 20.20
C ALA A 233 -20.84 12.84 20.48
N ASP A 234 -19.87 12.25 19.78
CA ASP A 234 -18.45 12.59 19.96
C ASP A 234 -17.94 13.77 19.12
N GLN A 235 -18.77 14.30 18.21
CA GLN A 235 -18.32 15.36 17.28
C GLN A 235 -17.89 16.66 17.98
N PRO A 236 -18.60 17.11 19.03
CA PRO A 236 -18.13 18.28 19.80
C PRO A 236 -16.74 18.10 20.43
N SER A 237 -16.47 16.90 20.96
CA SER A 237 -15.14 16.58 21.52
C SER A 237 -14.03 16.65 20.47
N ILE A 238 -14.31 16.10 19.29
CA ILE A 238 -13.37 16.12 18.16
C ILE A 238 -13.08 17.56 17.74
N GLU A 239 -14.12 18.39 17.61
CA GLU A 239 -13.94 19.78 17.20
C GLU A 239 -13.16 20.63 18.22
N GLN A 240 -13.40 20.38 19.50
CA GLN A 240 -12.59 21.01 20.58
C GLN A 240 -11.10 20.67 20.46
N ALA A 241 -10.81 19.40 20.14
CA ALA A 241 -9.43 18.96 19.93
C ALA A 241 -8.79 19.65 18.73
N VAL A 242 -9.53 19.75 17.63
CA VAL A 242 -9.05 20.46 16.42
C VAL A 242 -8.77 21.94 16.72
N ALA A 243 -9.67 22.58 17.48
CA ALA A 243 -9.48 23.97 17.90
C ALA A 243 -8.20 24.15 18.74
N TRP A 244 -7.93 23.20 19.63
CA TRP A 244 -6.67 23.18 20.40
C TRP A 244 -5.46 23.05 19.48
N GLY A 245 -5.53 22.14 18.50
CA GLY A 245 -4.45 21.95 17.53
C GLY A 245 -4.13 23.19 16.72
N LEU A 246 -5.16 23.91 16.29
CA LEU A 246 -5.01 25.17 15.55
C LEU A 246 -4.29 26.24 16.40
N LYS A 247 -4.68 26.34 17.67
CA LYS A 247 -3.99 27.20 18.65
C LYS A 247 -2.50 26.84 18.80
N ARG A 248 -2.23 25.53 18.90
CA ARG A 248 -0.86 25.02 19.09
C ARG A 248 0.07 25.26 17.90
N LEU A 249 -0.48 25.38 16.70
CA LEU A 249 0.33 25.62 15.51
C LEU A 249 0.56 27.12 15.31
N CYS A 250 1.83 27.53 15.31
CA CYS A 250 2.21 28.92 15.04
C CYS A 250 1.91 29.27 13.58
N PRO A 251 1.74 30.58 13.26
CA PRO A 251 1.57 31.02 11.87
C PRO A 251 2.66 30.55 10.88
N GLN A 252 3.89 30.38 11.36
CA GLN A 252 5.00 29.87 10.55
C GLN A 252 4.85 28.39 10.16
N GLY A 253 4.02 27.65 10.90
CA GLY A 253 3.67 26.27 10.57
C GLY A 253 4.38 25.22 11.43
N PHE A 254 4.54 25.51 12.72
CA PHE A 254 5.11 24.53 13.65
C PHE A 254 4.52 24.63 15.05
N VAL A 255 4.61 23.51 15.77
CA VAL A 255 4.29 23.46 17.18
C VAL A 255 5.57 23.75 17.95
N ALA A 256 5.58 24.87 18.68
CA ALA A 256 6.72 25.25 19.51
C ALA A 256 6.66 24.53 20.84
N THR A 257 7.83 24.07 21.31
CA THR A 257 7.96 23.44 22.63
C THR A 257 9.05 24.14 23.44
N SER A 258 9.11 23.82 24.71
CA SER A 258 10.18 24.31 25.59
C SER A 258 11.56 23.91 25.06
N LYS A 259 11.68 22.65 24.61
CA LYS A 259 12.94 22.13 24.09
C LYS A 259 13.24 22.64 22.67
N HIS A 260 12.21 22.75 21.83
CA HIS A 260 12.36 23.27 20.46
C HIS A 260 11.47 24.51 20.26
N PRO A 261 11.91 25.69 20.76
CA PRO A 261 11.10 26.90 20.63
C PRO A 261 10.83 27.36 19.19
N ASN A 262 11.66 26.92 18.24
CA ASN A 262 11.45 27.17 16.81
C ASN A 262 10.86 25.96 16.05
N GLY A 263 10.22 25.04 16.78
CA GLY A 263 9.44 23.96 16.16
C GLY A 263 9.96 22.55 16.39
N SER A 264 9.11 21.70 16.96
CA SER A 264 9.36 20.26 17.08
C SER A 264 8.72 19.56 15.88
N THR A 265 9.53 18.78 15.14
CA THR A 265 9.04 18.05 13.97
C THR A 265 8.04 16.94 14.36
N PHE A 266 8.32 16.24 15.45
CA PHE A 266 7.46 15.18 15.98
C PHE A 266 6.10 15.71 16.43
N ALA A 267 6.09 16.77 17.23
CA ALA A 267 4.84 17.41 17.67
C ALA A 267 4.06 18.03 16.51
N THR A 268 4.77 18.61 15.55
CA THR A 268 4.15 19.22 14.36
C THR A 268 3.48 18.19 13.45
N ALA A 269 4.11 17.04 13.28
CA ALA A 269 3.54 15.94 12.48
C ALA A 269 2.24 15.41 13.09
N TRP A 270 2.23 15.21 14.42
CA TRP A 270 1.02 14.74 15.11
C TRP A 270 -0.09 15.79 15.13
N CYS A 271 0.29 17.07 15.24
CA CYS A 271 -0.68 18.17 15.15
C CYS A 271 -1.28 18.27 13.73
N LEU A 272 -0.47 18.01 12.71
CA LEU A 272 -0.95 17.98 11.32
C LEU A 272 -2.01 16.89 11.14
N ARG A 273 -1.77 15.72 11.71
CA ARG A 273 -2.74 14.61 11.70
C ARG A 273 -4.06 14.98 12.40
N LEU A 274 -3.96 15.63 13.55
CA LEU A 274 -5.13 16.16 14.27
C LEU A 274 -5.97 17.12 13.43
N LEU A 275 -5.30 18.02 12.70
CA LEU A 275 -5.96 19.02 11.85
C LEU A 275 -6.62 18.46 10.59
N LEU A 276 -6.31 17.21 10.22
CA LEU A 276 -7.01 16.52 9.14
C LEU A 276 -8.44 16.12 9.47
N LEU A 277 -8.80 16.08 10.77
CA LEU A 277 -10.14 15.70 11.20
C LEU A 277 -11.21 16.79 10.98
N ASN A 278 -10.80 17.98 10.53
CA ASN A 278 -11.73 18.99 10.01
C ASN A 278 -11.36 19.30 8.57
N THR A 279 -12.29 19.02 7.65
CA THR A 279 -12.07 19.20 6.20
C THR A 279 -12.76 20.44 5.60
N VAL A 280 -13.53 21.18 6.41
CA VAL A 280 -14.35 22.30 5.90
C VAL A 280 -13.80 23.71 6.23
N ASP A 281 -13.22 23.88 7.42
CA ASP A 281 -12.77 25.19 7.88
C ASP A 281 -11.57 25.70 7.05
N ALA A 282 -11.66 26.93 6.56
CA ALA A 282 -10.64 27.51 5.68
C ALA A 282 -9.33 27.83 6.41
N GLU A 283 -9.42 28.26 7.67
CA GLU A 283 -8.23 28.55 8.49
C GLU A 283 -7.47 27.29 8.90
N VAL A 284 -8.20 26.19 9.15
CA VAL A 284 -7.59 24.89 9.43
C VAL A 284 -6.85 24.39 8.19
N LYS A 285 -7.46 24.55 7.02
CA LYS A 285 -6.83 24.21 5.74
C LYS A 285 -5.53 24.98 5.52
N ALA A 286 -5.57 26.28 5.80
CA ALA A 286 -4.38 27.14 5.73
C ALA A 286 -3.28 26.72 6.72
N ALA A 287 -3.69 26.35 7.93
CA ALA A 287 -2.76 25.88 8.97
C ALA A 287 -2.02 24.60 8.56
N ARG A 288 -2.74 23.64 8.00
CA ARG A 288 -2.13 22.41 7.47
C ARG A 288 -1.12 22.70 6.35
N ALA A 289 -1.47 23.63 5.46
CA ALA A 289 -0.58 24.04 4.37
C ALA A 289 0.71 24.69 4.89
N ALA A 290 0.59 25.48 5.95
CA ALA A 290 1.75 26.07 6.63
C ALA A 290 2.64 25.00 7.27
N ALA A 291 2.01 24.01 7.91
CA ALA A 291 2.72 22.88 8.52
C ALA A 291 3.46 22.00 7.51
N ILE A 292 2.83 21.75 6.36
CA ILE A 292 3.46 20.99 5.28
C ILE A 292 4.69 21.75 4.76
N GLY A 293 4.51 23.03 4.44
CA GLY A 293 5.60 23.90 3.99
C GLY A 293 6.79 23.92 4.91
N TRP A 294 6.54 24.07 6.21
CA TRP A 294 7.61 24.09 7.23
C TRP A 294 8.33 22.75 7.33
N LEU A 295 7.56 21.66 7.39
CA LEU A 295 8.14 20.30 7.43
C LEU A 295 9.03 20.00 6.21
N LEU A 296 8.61 20.46 5.02
CA LEU A 296 9.44 20.34 3.81
C LEU A 296 10.77 21.07 3.94
N GLU A 297 10.74 22.29 4.48
CA GLU A 297 11.96 23.08 4.72
C GLU A 297 12.91 22.40 5.71
N GLN A 298 12.36 21.76 6.74
CA GLN A 298 13.16 21.16 7.82
C GLN A 298 13.83 19.82 7.49
N GLN A 299 13.45 19.18 6.39
CA GLN A 299 13.99 17.87 6.03
C GLN A 299 15.50 17.92 5.78
N ARG A 300 16.24 16.96 6.34
CA ARG A 300 17.68 16.82 6.12
C ARG A 300 17.97 16.34 4.68
N PRO A 301 19.20 16.57 4.19
CA PRO A 301 19.59 16.09 2.85
C PRO A 301 19.42 14.58 2.62
N ASN A 302 19.65 13.76 3.65
CA ASN A 302 19.49 12.30 3.54
C ASN A 302 18.03 11.79 3.61
N GLY A 303 17.06 12.70 3.78
CA GLY A 303 15.64 12.34 3.78
C GLY A 303 14.98 12.32 5.16
N SER A 304 15.78 12.28 6.22
CA SER A 304 15.25 12.22 7.59
C SER A 304 14.86 13.61 8.10
N TRP A 305 14.18 13.62 9.24
CA TRP A 305 13.98 14.83 10.04
C TRP A 305 14.72 14.67 11.35
N VAL A 306 15.03 15.81 11.98
CA VAL A 306 15.78 15.85 13.22
C VAL A 306 14.98 15.19 14.34
N SER A 307 15.66 14.37 15.15
CA SER A 307 15.05 13.65 16.26
C SER A 307 14.34 14.59 17.23
N SER A 308 13.07 14.30 17.50
CA SER A 308 12.31 15.00 18.53
C SER A 308 11.20 14.16 19.19
N ALA A 309 11.32 12.83 19.11
CA ALA A 309 10.35 11.93 19.72
C ALA A 309 10.76 11.68 21.17
N TYR A 310 10.27 12.53 22.07
CA TYR A 310 10.73 12.52 23.46
C TYR A 310 9.89 11.62 24.35
N LEU A 311 10.47 10.46 24.66
CA LEU A 311 9.90 9.49 25.56
C LEU A 311 10.46 9.76 26.95
N ARG A 312 9.59 9.95 27.93
CA ARG A 312 10.01 10.20 29.31
C ARG A 312 9.76 8.96 30.16
N ILE A 313 10.60 8.81 31.18
CA ILE A 313 10.55 7.66 32.08
C ILE A 313 10.24 8.17 33.49
N PRO A 314 8.94 8.17 33.88
CA PRO A 314 8.62 8.57 35.24
C PRO A 314 9.02 7.51 36.25
N TYR A 315 9.07 7.90 37.51
CA TYR A 315 9.27 6.95 38.61
C TYR A 315 8.06 5.99 38.61
N PRO A 316 8.28 4.71 38.99
CA PRO A 316 7.19 3.70 38.91
C PRO A 316 5.92 4.02 39.71
N PHE A 317 6.07 4.82 40.76
CA PHE A 317 4.97 5.26 41.63
C PHE A 317 4.33 6.60 41.20
N ASP A 318 4.89 7.26 40.19
CA ASP A 318 4.39 8.58 39.75
C ASP A 318 3.13 8.43 38.91
N ARG A 319 1.99 8.77 39.53
CA ARG A 319 0.70 8.75 38.86
C ARG A 319 0.52 9.94 37.93
N ASN A 320 1.25 11.03 38.20
CA ASN A 320 1.07 12.32 37.51
C ASN A 320 2.39 12.85 36.93
N PRO A 321 2.92 12.20 35.87
CA PRO A 321 4.16 12.70 35.24
C PRO A 321 4.07 14.11 34.62
N ASN A 322 2.86 14.57 34.31
CA ASN A 322 2.67 15.95 33.82
C ASN A 322 2.84 17.00 34.92
N GLN A 323 2.87 16.58 36.19
CA GLN A 323 3.17 17.45 37.32
C GLN A 323 4.53 17.12 37.97
N PHE A 324 5.48 16.64 37.17
CA PHE A 324 6.85 16.37 37.60
C PHE A 324 7.74 17.47 37.00
N PRO A 325 8.21 18.43 37.82
CA PRO A 325 8.94 19.59 37.28
C PRO A 325 10.45 19.38 37.01
N HIS A 326 10.98 18.19 37.30
CA HIS A 326 12.42 17.96 37.30
C HIS A 326 12.98 17.26 36.05
N TRP A 327 12.19 17.14 34.98
CA TRP A 327 12.62 16.42 33.77
C TRP A 327 13.94 16.97 33.23
N ARG A 328 14.87 16.07 32.93
CA ARG A 328 16.14 16.41 32.27
C ARG A 328 16.32 15.44 31.12
N TYR A 329 17.15 15.82 30.16
CA TYR A 329 17.44 14.98 28.99
C TYR A 329 18.65 14.11 29.30
N TYR A 330 18.48 12.80 29.20
CA TYR A 330 19.46 11.82 29.69
C TYR A 330 20.86 11.98 29.09
N ASP A 331 20.93 12.24 27.79
CA ASP A 331 22.20 12.46 27.09
C ASP A 331 22.96 13.71 27.55
N GLU A 332 22.26 14.66 28.15
CA GLU A 332 22.85 15.92 28.61
C GLU A 332 23.32 15.91 30.08
N ILE A 333 22.93 14.89 30.85
CA ILE A 333 23.28 14.81 32.27
C ILE A 333 24.75 14.38 32.44
N GLU A 334 25.47 15.09 33.30
CA GLU A 334 26.85 14.76 33.64
C GLU A 334 26.92 13.94 34.94
N GLY A 335 27.87 13.02 35.01
CA GLY A 335 28.11 12.21 36.19
C GLY A 335 27.18 11.02 36.31
N ASP A 336 26.98 10.56 37.55
CA ASP A 336 26.14 9.40 37.84
C ASP A 336 24.68 9.77 37.60
N LYS A 337 23.97 8.94 36.83
CA LYS A 337 22.59 9.25 36.43
C LYS A 337 21.69 8.02 36.39
N ARG A 338 20.40 8.29 36.55
CA ARG A 338 19.33 7.29 36.54
C ARG A 338 18.36 7.64 35.42
N PHE A 339 17.66 6.63 34.90
CA PHE A 339 16.66 6.85 33.86
C PHE A 339 15.37 7.49 34.40
N GLU A 340 15.06 7.25 35.68
CA GLU A 340 13.85 7.79 36.29
C GLU A 340 13.95 9.31 36.40
N GLY A 341 12.89 9.99 35.98
CA GLY A 341 12.87 11.45 35.89
C GLY A 341 13.68 12.01 34.73
N SER A 342 14.02 11.17 33.74
CA SER A 342 14.78 11.62 32.58
C SER A 342 13.96 11.43 31.29
N ILE A 343 14.44 12.06 30.23
CA ILE A 343 13.83 11.99 28.91
C ILE A 343 14.87 11.44 27.92
N ILE A 344 14.47 10.43 27.15
CA ILE A 344 15.30 9.90 26.07
C ILE A 344 14.67 10.22 24.72
N PHE A 345 15.45 10.04 23.65
CA PHE A 345 14.98 10.34 22.29
C PHE A 345 15.39 9.29 21.27
N ASP A 346 14.80 9.40 20.08
CA ASP A 346 15.09 8.51 18.95
C ASP A 346 16.40 8.91 18.25
N HIS A 347 17.51 8.42 18.80
CA HIS A 347 18.86 8.78 18.32
C HIS A 347 19.15 8.53 16.83
N ASN A 348 18.50 7.52 16.23
CA ASN A 348 18.63 7.25 14.79
C ASN A 348 17.72 8.09 13.89
N SER A 349 16.80 8.85 14.48
CA SER A 349 15.81 9.68 13.75
C SER A 349 14.79 8.88 12.94
N ILE A 350 14.66 7.58 13.21
CA ILE A 350 13.77 6.69 12.46
C ILE A 350 12.32 6.89 12.93
N PHE A 351 12.13 6.90 14.24
CA PHE A 351 10.81 7.09 14.86
C PHE A 351 10.18 8.43 14.47
N THR A 352 10.99 9.50 14.48
CA THR A 352 10.55 10.83 14.06
C THR A 352 10.25 10.89 12.56
N THR A 353 11.18 10.40 11.74
CA THR A 353 11.02 10.43 10.27
C THR A 353 9.77 9.67 9.79
N ALA A 354 9.54 8.50 10.37
CA ALA A 354 8.34 7.70 10.10
C ALA A 354 7.06 8.48 10.41
N THR A 355 7.04 9.17 11.55
CA THR A 355 5.90 10.01 11.96
C THR A 355 5.64 11.15 10.97
N VAL A 356 6.70 11.82 10.53
CA VAL A 356 6.56 12.99 9.66
C VAL A 356 6.06 12.60 8.27
N VAL A 357 6.68 11.58 7.68
CA VAL A 357 6.31 11.13 6.34
C VAL A 357 4.86 10.62 6.28
N ASN A 358 4.43 9.91 7.32
CA ASN A 358 3.02 9.46 7.44
C ASN A 358 2.06 10.66 7.43
N SER A 359 2.37 11.69 8.21
CA SER A 359 1.55 12.91 8.26
C SER A 359 1.48 13.65 6.92
N LEU A 360 2.61 13.70 6.20
CA LEU A 360 2.66 14.35 4.88
C LEU A 360 1.87 13.61 3.80
N VAL A 361 1.96 12.27 3.79
CA VAL A 361 1.18 11.45 2.86
C VAL A 361 -0.32 11.58 3.14
N LYS A 362 -0.71 11.54 4.43
CA LYS A 362 -2.12 11.71 4.80
C LYS A 362 -2.66 13.11 4.48
N ALA A 363 -1.81 14.14 4.61
CA ALA A 363 -2.23 15.53 4.44
C ALA A 363 -2.24 16.03 2.99
N ALA A 364 -1.40 15.46 2.14
CA ALA A 364 -1.23 15.91 0.74
C ALA A 364 -2.52 16.06 -0.09
N PRO A 365 -3.44 15.07 -0.04
CA PRO A 365 -4.72 15.23 -0.76
C PRO A 365 -5.60 16.42 -0.31
N MET A 366 -5.47 16.83 0.95
CA MET A 366 -6.28 17.93 1.52
C MET A 366 -5.67 19.33 1.34
N LEU A 367 -4.60 19.45 0.54
CA LEU A 367 -4.06 20.77 0.17
C LEU A 367 -5.05 21.57 -0.66
N PRO B 19 -4.72 -29.57 -5.90
CA PRO B 19 -5.64 -29.22 -6.99
C PRO B 19 -5.69 -30.29 -8.09
N LYS B 20 -6.91 -30.77 -8.38
CA LYS B 20 -7.14 -31.82 -9.39
C LYS B 20 -7.72 -31.21 -10.67
N LEU B 21 -7.57 -31.94 -11.78
CA LEU B 21 -7.96 -31.45 -13.12
C LEU B 21 -9.46 -31.15 -13.25
N ASN B 22 -10.30 -32.00 -12.67
CA ASN B 22 -11.76 -31.82 -12.74
C ASN B 22 -12.24 -30.53 -12.06
N GLN B 23 -11.55 -30.13 -10.99
CA GLN B 23 -11.85 -28.87 -10.28
C GLN B 23 -11.58 -27.64 -11.15
N LEU B 24 -10.45 -27.67 -11.87
CA LEU B 24 -10.14 -26.63 -12.87
C LEU B 24 -11.18 -26.56 -13.98
N SER B 25 -11.62 -27.72 -14.47
CA SER B 25 -12.66 -27.80 -15.51
C SER B 25 -13.97 -27.13 -15.08
N ASN B 26 -14.37 -27.34 -13.83
CA ASN B 26 -15.60 -26.75 -13.29
C ASN B 26 -15.46 -25.22 -13.12
N SER B 27 -14.30 -24.80 -12.63
CA SER B 27 -13.97 -23.37 -12.47
C SER B 27 -13.98 -22.64 -13.81
N ILE B 28 -13.25 -23.20 -14.78
CA ILE B 28 -13.13 -22.60 -16.11
C ILE B 28 -14.49 -22.46 -16.80
N ASN B 29 -15.27 -23.55 -16.81
CA ASN B 29 -16.60 -23.54 -17.44
C ASN B 29 -17.55 -22.54 -16.78
N ALA B 30 -17.48 -22.40 -15.46
CA ALA B 30 -18.24 -21.39 -14.74
C ALA B 30 -17.83 -19.96 -15.13
N ALA B 31 -16.53 -19.73 -15.29
CA ALA B 31 -16.02 -18.41 -15.71
C ALA B 31 -16.39 -18.08 -17.16
N VAL B 32 -16.29 -19.06 -18.05
CA VAL B 32 -16.68 -18.89 -19.46
C VAL B 32 -18.17 -18.55 -19.57
N ALA B 33 -19.00 -19.28 -18.83
CA ALA B 33 -20.45 -19.01 -18.79
C ALA B 33 -20.73 -17.58 -18.35
N PHE B 34 -20.08 -17.15 -17.26
CA PHE B 34 -20.20 -15.77 -16.77
C PHE B 34 -19.85 -14.74 -17.85
N LEU B 35 -18.69 -14.92 -18.49
CA LEU B 35 -18.20 -13.97 -19.49
C LEU B 35 -19.07 -13.90 -20.74
N LEU B 36 -19.53 -15.04 -21.24
CA LEU B 36 -20.39 -15.05 -22.44
C LEU B 36 -21.75 -14.38 -22.18
N GLU B 37 -22.31 -14.61 -20.99
CA GLU B 37 -23.57 -13.97 -20.59
C GLU B 37 -23.44 -12.50 -20.18
N ALA B 38 -22.22 -12.08 -19.79
CA ALA B 38 -21.96 -10.69 -19.37
C ALA B 38 -21.81 -9.69 -20.54
N ARG B 39 -21.81 -10.17 -21.78
CA ARG B 39 -21.79 -9.29 -22.95
C ARG B 39 -23.08 -8.50 -23.08
N ASN B 40 -22.98 -7.32 -23.67
CA ASN B 40 -24.16 -6.49 -23.95
C ASN B 40 -24.92 -7.07 -25.13
N LEU B 41 -26.04 -6.44 -25.50
CA LEU B 41 -26.91 -6.98 -26.55
C LEU B 41 -26.27 -6.97 -27.94
N GLU B 42 -25.43 -5.96 -28.21
CA GLU B 42 -24.57 -5.94 -29.41
C GLU B 42 -23.52 -7.06 -29.46
N GLY B 43 -23.04 -7.49 -28.28
CA GLY B 43 -21.98 -8.49 -28.15
C GLY B 43 -20.66 -7.97 -27.58
N TRP B 44 -20.61 -6.68 -27.23
CA TRP B 44 -19.42 -6.07 -26.61
C TRP B 44 -19.24 -6.57 -25.19
N TRP B 45 -17.98 -6.74 -24.79
CA TRP B 45 -17.63 -6.82 -23.36
C TRP B 45 -17.34 -5.40 -22.91
N GLN B 46 -18.02 -4.96 -21.85
CA GLN B 46 -17.86 -3.61 -21.31
C GLN B 46 -17.32 -3.62 -19.89
N ASP B 47 -16.35 -2.75 -19.60
CA ASP B 47 -15.84 -2.59 -18.24
C ASP B 47 -15.08 -1.27 -18.05
N PHE B 48 -14.87 -0.91 -16.77
CA PHE B 48 -14.30 0.37 -16.32
C PHE B 48 -15.24 1.53 -16.59
N ASN B 49 -15.20 2.54 -15.72
CA ASN B 49 -16.04 3.72 -15.90
C ASN B 49 -15.32 5.00 -15.50
N PHE B 50 -15.35 5.97 -16.42
CA PHE B 50 -15.03 7.36 -16.12
C PHE B 50 -16.37 8.15 -16.13
N PRO B 51 -17.09 8.20 -14.98
CA PRO B 51 -18.43 8.81 -15.00
C PRO B 51 -18.44 10.28 -15.44
N GLN B 52 -19.32 10.60 -16.40
CA GLN B 52 -19.45 11.94 -16.99
C GLN B 52 -18.18 12.45 -17.71
N ALA B 53 -17.37 11.52 -18.22
CA ALA B 53 -16.13 11.86 -18.93
C ALA B 53 -15.92 10.88 -20.11
N ALA B 54 -15.00 9.91 -19.98
CA ALA B 54 -14.81 8.88 -21.00
C ALA B 54 -15.92 7.81 -21.00
N SER B 55 -16.64 7.68 -19.88
CA SER B 55 -17.70 6.68 -19.70
C SER B 55 -17.14 5.24 -19.71
N ILE B 56 -17.88 4.27 -20.26
CA ILE B 56 -17.52 2.85 -20.12
C ILE B 56 -16.65 2.33 -21.28
N GLY B 57 -15.65 1.51 -20.95
CA GLY B 57 -14.77 0.94 -21.96
C GLY B 57 -15.46 -0.19 -22.72
N ASP B 58 -15.23 -0.27 -24.03
CA ASP B 58 -15.73 -1.41 -24.83
C ASP B 58 -14.73 -1.98 -25.85
N GLU B 59 -14.20 -1.16 -26.76
CA GLU B 59 -13.23 -1.63 -27.76
C GLU B 59 -12.02 -2.29 -27.09
N TRP B 60 -11.46 -1.61 -26.09
CA TRP B 60 -10.31 -2.10 -25.33
C TRP B 60 -10.63 -3.35 -24.53
N VAL B 61 -11.75 -3.32 -23.81
CA VAL B 61 -12.16 -4.43 -22.95
C VAL B 61 -12.44 -5.68 -23.79
N THR B 62 -13.13 -5.49 -24.92
CA THR B 62 -13.52 -6.59 -25.81
C THR B 62 -12.33 -7.26 -26.49
N ALA B 63 -11.35 -6.45 -26.94
CA ALA B 63 -10.11 -6.96 -27.51
C ALA B 63 -9.29 -7.77 -26.51
N TYR B 64 -9.17 -7.26 -25.29
CA TYR B 64 -8.44 -7.94 -24.20
C TYR B 64 -9.10 -9.25 -23.81
N VAL B 65 -10.40 -9.19 -23.53
CA VAL B 65 -11.18 -10.38 -23.10
C VAL B 65 -11.22 -11.47 -24.17
N GLY B 66 -11.40 -11.07 -25.44
CA GLY B 66 -11.38 -12.00 -26.56
C GLY B 66 -10.04 -12.69 -26.75
N THR B 67 -8.96 -11.93 -26.59
CA THR B 67 -7.60 -12.47 -26.60
C THR B 67 -7.38 -13.45 -25.44
N MET B 68 -7.87 -13.09 -24.24
CA MET B 68 -7.77 -13.99 -23.08
C MET B 68 -8.50 -15.32 -23.32
N LEU B 69 -9.67 -15.24 -23.99
CA LEU B 69 -10.49 -16.42 -24.27
C LEU B 69 -10.07 -17.24 -25.50
N ALA B 70 -9.12 -16.74 -26.29
CA ALA B 70 -8.60 -17.47 -27.46
C ALA B 70 -7.90 -18.79 -27.12
N THR B 71 -7.45 -18.93 -25.88
CA THR B 71 -6.90 -20.18 -25.37
C THR B 71 -7.92 -21.32 -25.16
N LEU B 72 -9.22 -21.01 -25.10
CA LEU B 72 -10.25 -22.04 -24.94
C LEU B 72 -10.49 -22.80 -26.25
N PRO B 73 -10.59 -24.15 -26.20
CA PRO B 73 -10.85 -24.96 -27.39
C PRO B 73 -12.35 -25.22 -27.64
N TYR B 74 -13.21 -24.22 -27.38
CA TYR B 74 -14.65 -24.36 -27.55
C TYR B 74 -15.12 -23.63 -28.81
N ALA B 75 -16.06 -24.25 -29.53
CA ALA B 75 -16.60 -23.70 -30.78
C ALA B 75 -17.45 -22.46 -30.51
N HIS B 76 -18.30 -22.51 -29.48
CA HIS B 76 -19.11 -21.35 -29.10
C HIS B 76 -18.30 -20.14 -28.57
N VAL B 77 -17.13 -20.41 -27.99
CA VAL B 77 -16.21 -19.33 -27.61
C VAL B 77 -15.57 -18.72 -28.86
N HIS B 78 -15.10 -19.55 -29.79
CA HIS B 78 -14.52 -19.04 -31.05
C HIS B 78 -15.54 -18.22 -31.86
N GLU B 79 -16.81 -18.59 -31.81
CA GLU B 79 -17.90 -17.79 -32.40
C GLU B 79 -18.05 -16.42 -31.75
N ALA B 80 -17.90 -16.34 -30.43
CA ALA B 80 -17.92 -15.06 -29.70
C ALA B 80 -16.73 -14.15 -30.09
N LEU B 81 -15.57 -14.75 -30.29
CA LEU B 81 -14.37 -14.02 -30.77
C LEU B 81 -14.54 -13.46 -32.19
N MET B 82 -15.14 -14.26 -33.08
CA MET B 82 -15.44 -13.79 -34.45
C MET B 82 -16.46 -12.66 -34.43
N GLN B 83 -17.47 -12.79 -33.57
CA GLN B 83 -18.42 -11.70 -33.30
C GLN B 83 -17.71 -10.44 -32.80
N ALA B 84 -16.80 -10.63 -31.83
CA ALA B 84 -16.03 -9.53 -31.28
C ALA B 84 -15.16 -8.83 -32.32
N TRP B 85 -14.54 -9.61 -33.21
CA TRP B 85 -13.75 -9.05 -34.33
C TRP B 85 -14.63 -8.25 -35.30
N GLU B 86 -15.84 -8.74 -35.58
CA GLU B 86 -16.80 -8.00 -36.41
C GLU B 86 -17.16 -6.65 -35.79
N LEU B 87 -17.32 -6.62 -34.47
CA LEU B 87 -17.61 -5.38 -33.74
C LEU B 87 -16.43 -4.39 -33.82
N LEU B 88 -15.21 -4.91 -33.73
CA LEU B 88 -14.01 -4.08 -33.90
C LEU B 88 -13.84 -3.56 -35.34
N LYS B 89 -14.20 -4.37 -36.34
CA LYS B 89 -14.19 -3.90 -37.73
C LYS B 89 -15.16 -2.74 -37.96
N ILE B 90 -16.32 -2.81 -37.30
CA ILE B 90 -17.34 -1.75 -37.33
C ILE B 90 -16.82 -0.43 -36.76
N ARG B 91 -15.98 -0.48 -35.73
CA ARG B 91 -15.32 0.73 -35.20
C ARG B 91 -14.13 1.13 -36.08
N ASP B 92 -14.44 1.65 -37.27
CA ASP B 92 -13.44 2.09 -38.25
C ASP B 92 -13.51 3.62 -38.48
N HIS B 93 -13.91 4.33 -37.42
CA HIS B 93 -14.26 5.75 -37.50
C HIS B 93 -13.04 6.69 -37.41
N ARG B 94 -11.92 6.20 -36.89
CA ARG B 94 -10.70 7.00 -36.76
C ARG B 94 -9.88 6.90 -38.05
N PRO B 95 -9.41 8.05 -38.59
CA PRO B 95 -8.71 8.04 -39.89
C PRO B 95 -7.43 7.19 -39.96
N THR B 96 -6.76 7.00 -38.82
CA THR B 96 -5.57 6.14 -38.75
C THR B 96 -5.87 4.63 -38.83
N GLY B 97 -7.09 4.23 -38.49
CA GLY B 97 -7.46 2.82 -38.39
C GLY B 97 -7.19 2.22 -37.01
N GLU B 98 -6.86 3.06 -36.04
CA GLU B 98 -6.60 2.61 -34.66
C GLU B 98 -7.90 2.33 -33.92
N TRP B 99 -7.77 1.62 -32.82
CA TRP B 99 -8.85 1.44 -31.84
C TRP B 99 -8.48 2.19 -30.55
N GLY B 100 -9.49 2.48 -29.74
CA GLY B 100 -9.30 3.19 -28.47
C GLY B 100 -10.14 2.61 -27.35
N TYR B 101 -10.10 3.26 -26.19
CA TYR B 101 -10.85 2.84 -24.99
C TYR B 101 -12.32 2.56 -25.30
N ASN B 102 -12.95 3.50 -26.00
CA ASN B 102 -14.30 3.32 -26.53
C ASN B 102 -14.51 4.24 -27.73
N TYR B 103 -15.72 4.30 -28.28
CA TYR B 103 -16.00 5.11 -29.47
C TYR B 103 -15.50 6.56 -29.36
N ILE B 104 -15.81 7.20 -28.24
CA ILE B 104 -15.53 8.64 -28.07
C ILE B 104 -14.05 8.98 -27.87
N LEU B 105 -13.29 8.08 -27.26
CA LEU B 105 -11.84 8.28 -27.07
C LEU B 105 -11.07 8.14 -28.39
N CYS B 106 -9.93 8.83 -28.45
CA CYS B 106 -9.01 8.72 -29.58
C CYS B 106 -8.28 7.38 -29.53
N GLY B 107 -7.57 7.06 -30.62
CA GLY B 107 -6.84 5.80 -30.72
C GLY B 107 -5.66 5.76 -29.77
N ASP B 108 -5.34 4.54 -29.30
CA ASP B 108 -4.15 4.31 -28.50
C ASP B 108 -3.48 3.00 -28.91
N ALA B 109 -2.19 2.88 -28.59
CA ALA B 109 -1.38 1.73 -28.99
C ALA B 109 -1.74 0.44 -28.26
N ASP B 110 -2.15 0.55 -26.99
CA ASP B 110 -2.45 -0.61 -26.18
C ASP B 110 -3.69 -1.34 -26.71
N THR B 111 -4.79 -0.60 -26.84
CA THR B 111 -6.02 -1.12 -27.46
C THR B 111 -5.76 -1.72 -28.83
N THR B 112 -5.02 -0.98 -29.66
CA THR B 112 -4.70 -1.41 -31.02
C THR B 112 -3.89 -2.71 -31.03
N GLY B 113 -3.01 -2.88 -30.03
CA GLY B 113 -2.24 -4.10 -29.86
C GLY B 113 -3.09 -5.30 -29.51
N TRP B 114 -3.98 -5.13 -28.52
CA TRP B 114 -4.89 -6.21 -28.11
C TRP B 114 -5.87 -6.59 -29.22
N ALA B 115 -6.31 -5.60 -29.99
CA ALA B 115 -7.18 -5.86 -31.16
C ALA B 115 -6.51 -6.74 -32.20
N LEU B 116 -5.22 -6.48 -32.46
CA LEU B 116 -4.43 -7.30 -33.40
C LEU B 116 -4.13 -8.70 -32.88
N GLN B 117 -3.98 -8.86 -31.57
CA GLN B 117 -3.88 -10.18 -30.96
C GLN B 117 -5.17 -10.98 -31.19
N LEU B 118 -6.31 -10.31 -31.03
CA LEU B 118 -7.62 -10.94 -31.30
C LEU B 118 -7.79 -11.27 -32.79
N ALA B 119 -7.36 -10.35 -33.66
CA ALA B 119 -7.36 -10.60 -35.11
C ALA B 119 -6.59 -11.88 -35.48
N ALA B 120 -5.44 -12.11 -34.83
CA ALA B 120 -4.65 -13.33 -35.06
C ALA B 120 -5.40 -14.59 -34.66
N ALA B 121 -6.12 -14.54 -33.52
CA ALA B 121 -6.94 -15.67 -33.06
C ALA B 121 -8.04 -16.07 -34.06
N VAL B 122 -8.60 -15.09 -34.77
CA VAL B 122 -9.64 -15.33 -35.79
C VAL B 122 -9.11 -15.36 -37.25
N GLY B 123 -7.80 -15.40 -37.42
CA GLY B 123 -7.17 -15.50 -38.74
C GLY B 123 -7.30 -14.27 -39.63
N ALA B 124 -7.35 -13.09 -39.02
CA ALA B 124 -7.57 -11.84 -39.74
C ALA B 124 -6.35 -10.89 -39.76
N SER B 125 -5.16 -11.42 -39.49
CA SER B 125 -3.94 -10.59 -39.40
C SER B 125 -3.53 -9.91 -40.70
N ASP B 126 -3.86 -10.52 -41.84
CA ASP B 126 -3.56 -9.95 -43.16
C ASP B 126 -4.76 -9.24 -43.81
N SER B 127 -5.84 -9.05 -43.05
CA SER B 127 -6.99 -8.27 -43.50
C SER B 127 -6.60 -6.80 -43.66
N GLU B 128 -7.35 -6.08 -44.48
CA GLU B 128 -7.01 -4.67 -44.77
C GLU B 128 -7.08 -3.76 -43.55
N ARG B 129 -8.02 -4.03 -42.64
CA ARG B 129 -8.10 -3.26 -41.39
C ARG B 129 -6.88 -3.51 -40.48
N ALA B 130 -6.50 -4.79 -40.34
CA ALA B 130 -5.34 -5.17 -39.54
C ALA B 130 -4.02 -4.62 -40.11
N GLN B 131 -3.90 -4.60 -41.44
CA GLN B 131 -2.74 -3.98 -42.11
C GLN B 131 -2.64 -2.48 -41.83
N GLN B 132 -3.78 -1.79 -41.83
CA GLN B 132 -3.85 -0.36 -41.52
C GLN B 132 -3.53 -0.09 -40.04
N ALA B 133 -4.14 -0.87 -39.14
CA ALA B 133 -3.91 -0.75 -37.70
C ALA B 133 -2.46 -1.01 -37.31
N ARG B 134 -1.84 -2.00 -37.96
CA ARG B 134 -0.44 -2.33 -37.77
C ARG B 134 0.50 -1.17 -38.16
N ALA B 135 0.19 -0.52 -39.29
CA ALA B 135 0.94 0.65 -39.74
C ALA B 135 0.78 1.83 -38.78
N ALA B 136 -0.44 2.08 -38.35
CA ALA B 136 -0.73 3.13 -37.37
C ALA B 136 -0.03 2.86 -36.05
N LEU B 137 -0.11 1.61 -35.57
CA LEU B 137 0.56 1.18 -34.34
C LEU B 137 2.08 1.41 -34.39
N ALA B 138 2.68 1.18 -35.55
CA ALA B 138 4.12 1.37 -35.75
C ALA B 138 4.58 2.83 -35.59
N THR B 139 3.70 3.79 -35.87
CA THR B 139 4.02 5.21 -35.68
C THR B 139 4.14 5.62 -34.20
N HIS B 140 3.54 4.83 -33.31
CA HIS B 140 3.68 5.02 -31.85
C HIS B 140 5.03 4.58 -31.27
N LEU B 141 5.82 3.83 -32.04
CA LEU B 141 7.17 3.46 -31.62
C LEU B 141 8.06 4.69 -31.52
N GLN B 142 8.69 4.87 -30.37
CA GLN B 142 9.77 5.86 -30.24
C GLN B 142 10.95 5.37 -31.09
N PRO B 143 11.77 6.31 -31.60
CA PRO B 143 13.04 5.87 -32.22
C PRO B 143 13.98 5.24 -31.18
N ASN B 144 13.88 5.74 -29.95
CA ASN B 144 14.71 5.33 -28.82
C ASN B 144 14.51 3.86 -28.47
N GLY B 145 13.26 3.46 -28.25
CA GLY B 145 12.97 2.07 -27.87
C GLY B 145 11.50 1.70 -27.74
N GLY B 146 10.87 2.14 -26.66
CA GLY B 146 9.52 1.69 -26.30
C GLY B 146 8.40 2.29 -27.13
N ILE B 147 7.19 1.75 -26.94
CA ILE B 147 6.00 2.25 -27.61
C ILE B 147 5.22 3.19 -26.68
N ALA B 148 4.68 4.27 -27.25
CA ALA B 148 3.91 5.26 -26.50
C ALA B 148 2.41 5.02 -26.68
N THR B 149 1.65 5.17 -25.60
CA THR B 149 0.21 4.91 -25.61
C THR B 149 -0.52 5.87 -26.56
N PHE B 150 -0.23 7.16 -26.41
CA PHE B 150 -0.91 8.22 -27.16
C PHE B 150 0.05 9.02 -28.01
N ALA B 151 -0.41 9.42 -29.20
CA ALA B 151 0.22 10.48 -29.98
C ALA B 151 -0.29 11.82 -29.44
N GLU B 152 0.61 12.79 -29.30
CA GLU B 152 0.29 14.08 -28.66
C GLU B 152 -0.82 14.86 -29.39
N GLU B 153 -0.83 14.81 -30.72
CA GLU B 153 -1.86 15.49 -31.53
C GLU B 153 -3.26 14.97 -31.23
N SER B 154 -3.38 13.64 -31.12
CA SER B 154 -4.67 12.98 -30.92
C SER B 154 -5.25 13.21 -29.53
N ILE B 155 -4.42 12.97 -28.50
CA ILE B 155 -4.87 13.07 -27.09
C ILE B 155 -5.20 14.51 -26.67
N ARG B 156 -4.54 15.50 -27.26
CA ARG B 156 -4.92 16.92 -27.07
C ARG B 156 -6.29 17.20 -27.70
N ALA B 157 -6.48 16.76 -28.94
CA ALA B 157 -7.75 16.93 -29.65
C ALA B 157 -8.84 16.04 -29.07
N VAL B 167 -0.19 22.71 -20.55
CA VAL B 167 0.18 21.54 -19.75
C VAL B 167 0.96 20.52 -20.60
N SER B 168 2.02 19.97 -20.01
CA SER B 168 2.87 18.98 -20.69
C SER B 168 2.21 17.60 -20.72
N PHE B 169 2.32 16.93 -21.87
CA PHE B 169 1.83 15.55 -22.06
C PHE B 169 2.99 14.54 -22.19
N GLN B 170 4.15 14.89 -21.63
CA GLN B 170 5.34 14.01 -21.60
C GLN B 170 5.13 12.66 -20.91
N GLY B 171 4.21 12.60 -19.95
CA GLY B 171 3.85 11.36 -19.27
C GLY B 171 3.02 10.43 -20.15
N TRP B 172 1.86 10.92 -20.57
CA TRP B 172 0.90 10.14 -21.38
C TRP B 172 1.39 9.82 -22.79
N CYS B 173 2.32 10.61 -23.33
CA CYS B 173 2.88 10.39 -24.67
C CYS B 173 4.32 9.85 -24.68
N GLY B 174 4.86 9.53 -23.51
CA GLY B 174 6.17 8.86 -23.41
C GLY B 174 6.07 7.37 -23.64
N ALA B 175 7.23 6.73 -23.78
CA ALA B 175 7.29 5.27 -23.90
C ALA B 175 6.79 4.63 -22.61
N HIS B 176 6.01 3.55 -22.76
CA HIS B 176 5.41 2.86 -21.62
C HIS B 176 5.75 1.38 -21.67
N THR B 177 6.30 0.87 -20.58
CA THR B 177 6.79 -0.51 -20.50
C THR B 177 5.65 -1.53 -20.48
N CYS B 178 4.55 -1.19 -19.81
CA CYS B 178 3.36 -2.05 -19.78
C CYS B 178 2.79 -2.29 -21.18
N VAL B 179 2.60 -1.20 -21.92
CA VAL B 179 2.05 -1.29 -23.28
C VAL B 179 3.06 -1.93 -24.23
N SER B 180 4.34 -1.59 -24.08
CA SER B 180 5.42 -2.21 -24.87
C SER B 180 5.44 -3.74 -24.70
N ALA B 181 5.30 -4.20 -23.46
CA ALA B 181 5.25 -5.65 -23.16
C ALA B 181 4.09 -6.35 -23.87
N ALA B 182 2.90 -5.74 -23.79
CA ALA B 182 1.70 -6.29 -24.42
C ALA B 182 1.79 -6.30 -25.94
N VAL B 183 2.32 -5.22 -26.52
CA VAL B 183 2.54 -5.11 -27.97
C VAL B 183 3.60 -6.10 -28.47
N ALA B 184 4.55 -6.45 -27.61
CA ALA B 184 5.60 -7.42 -27.95
C ALA B 184 5.10 -8.87 -28.10
N ALA B 185 3.87 -9.15 -27.63
CA ALA B 185 3.19 -10.42 -27.93
C ALA B 185 2.93 -10.64 -29.42
N LEU B 186 2.84 -9.56 -30.19
CA LEU B 186 2.78 -9.65 -31.65
C LEU B 186 4.20 -9.85 -32.20
N PRO B 187 4.46 -11.00 -32.88
CA PRO B 187 5.82 -11.30 -33.37
C PRO B 187 6.46 -10.22 -34.26
N GLU B 188 5.67 -9.61 -35.14
CA GLU B 188 6.15 -8.53 -36.02
C GLU B 188 6.70 -7.29 -35.29
N PHE B 189 6.24 -7.05 -34.05
CA PHE B 189 6.75 -5.96 -33.20
C PHE B 189 7.80 -6.38 -32.15
N ARG B 190 7.88 -7.68 -31.84
CA ARG B 190 8.80 -8.20 -30.83
C ARG B 190 10.26 -7.79 -31.07
N SER B 191 10.71 -7.92 -32.31
CA SER B 191 12.09 -7.56 -32.69
C SER B 191 12.38 -6.05 -32.53
N ARG B 192 11.38 -5.22 -32.80
CA ARG B 192 11.54 -3.77 -32.71
C ARG B 192 11.61 -3.29 -31.26
N LEU B 193 10.86 -3.96 -30.37
CA LEU B 193 10.82 -3.62 -28.93
C LEU B 193 11.83 -4.39 -28.06
N HIS B 194 12.55 -5.34 -28.66
CA HIS B 194 13.39 -6.31 -27.93
C HIS B 194 14.41 -5.68 -26.98
N ASP B 195 15.20 -4.74 -27.50
CA ASP B 195 16.27 -4.10 -26.71
C ASP B 195 15.71 -3.26 -25.58
N TYR B 196 14.68 -2.47 -25.87
CA TYR B 196 13.99 -1.65 -24.86
C TYR B 196 13.51 -2.49 -23.65
N LEU B 197 12.92 -3.66 -23.93
CA LEU B 197 12.45 -4.55 -22.86
C LEU B 197 13.59 -5.09 -22.01
N ARG B 198 14.72 -5.42 -22.64
CA ARG B 198 15.90 -5.89 -21.92
C ARG B 198 16.50 -4.82 -20.99
N VAL B 199 16.68 -3.60 -21.50
CA VAL B 199 17.30 -2.52 -20.70
C VAL B 199 16.43 -2.02 -19.55
N THR B 200 15.11 -2.17 -19.66
CA THR B 200 14.18 -1.68 -18.63
C THR B 200 13.95 -2.63 -17.45
N GLN B 201 14.58 -3.81 -17.46
CA GLN B 201 14.49 -4.74 -16.33
C GLN B 201 15.20 -4.18 -15.10
N THR B 202 14.59 -4.31 -13.93
CA THR B 202 15.19 -3.83 -12.68
C THR B 202 16.25 -4.82 -12.19
N SER B 203 16.99 -4.41 -11.17
CA SER B 203 17.98 -5.29 -10.52
C SER B 203 17.34 -6.51 -9.84
N GLN B 204 16.09 -6.38 -9.41
CA GLN B 204 15.34 -7.48 -8.77
C GLN B 204 14.68 -8.47 -9.75
N GLY B 205 14.76 -8.21 -11.06
CA GLY B 205 14.25 -9.13 -12.08
C GLY B 205 12.92 -8.76 -12.72
N ASN B 206 12.20 -7.82 -12.11
CA ASN B 206 10.89 -7.41 -12.59
C ASN B 206 10.94 -6.21 -13.52
N TRP B 207 9.79 -5.91 -14.11
CA TRP B 207 9.57 -4.67 -14.86
C TRP B 207 8.50 -3.85 -14.13
N GLU B 208 8.48 -2.55 -14.42
CA GLU B 208 7.49 -1.63 -13.86
C GLU B 208 6.67 -1.02 -15.00
N GLY B 209 5.35 -1.04 -14.86
CA GLY B 209 4.45 -0.46 -15.86
C GLY B 209 4.09 0.97 -15.57
N TYR B 210 3.40 1.59 -16.53
CA TYR B 210 2.94 2.97 -16.39
C TYR B 210 1.51 3.03 -15.83
N TRP B 211 0.56 2.43 -16.56
CA TRP B 211 -0.87 2.54 -16.25
C TRP B 211 -1.36 1.61 -15.15
N TRP B 212 -0.59 0.59 -14.80
CA TRP B 212 -1.04 -0.46 -13.88
C TRP B 212 -0.33 -0.38 -12.53
N SER B 213 -1.07 -0.60 -11.44
CA SER B 213 -0.49 -0.65 -10.09
C SER B 213 0.34 -1.91 -9.87
N ASP B 214 -0.13 -3.03 -10.40
CA ASP B 214 0.48 -4.34 -10.15
C ASP B 214 1.56 -4.66 -11.18
N HIS B 215 2.81 -4.74 -10.73
CA HIS B 215 3.97 -5.00 -11.60
C HIS B 215 4.02 -6.43 -12.20
N GLU B 216 3.16 -7.33 -11.71
CA GLU B 216 3.07 -8.70 -12.20
C GLU B 216 2.53 -8.74 -13.64
N TYR B 217 1.66 -7.79 -13.98
CA TYR B 217 1.14 -7.63 -15.35
C TYR B 217 2.27 -7.39 -16.36
N THR B 218 3.05 -6.34 -16.13
CA THR B 218 4.14 -5.97 -17.06
C THR B 218 5.26 -7.01 -17.07
N THR B 219 5.58 -7.56 -15.91
CA THR B 219 6.66 -8.55 -15.77
C THR B 219 6.36 -9.84 -16.53
N ALA B 220 5.16 -10.38 -16.32
CA ALA B 220 4.72 -11.60 -16.99
C ALA B 220 4.66 -11.43 -18.52
N LEU B 221 4.06 -10.33 -18.97
CA LEU B 221 3.97 -10.05 -20.41
C LEU B 221 5.35 -9.86 -21.07
N THR B 222 6.25 -9.16 -20.38
CA THR B 222 7.61 -8.95 -20.91
C THR B 222 8.40 -10.27 -20.97
N ALA B 223 8.35 -11.04 -19.88
CA ALA B 223 9.05 -12.33 -19.82
C ALA B 223 8.49 -13.33 -20.85
N GLU B 224 7.17 -13.29 -21.06
CA GLU B 224 6.52 -14.08 -22.11
C GLU B 224 7.03 -13.73 -23.50
N ALA B 225 7.18 -12.44 -23.78
CA ALA B 225 7.68 -11.97 -25.08
C ALA B 225 9.13 -12.41 -25.32
N LEU B 226 9.97 -12.34 -24.29
CA LEU B 226 11.35 -12.83 -24.38
C LEU B 226 11.41 -14.34 -24.55
N ALA B 227 10.55 -15.07 -23.82
CA ALA B 227 10.43 -16.52 -23.96
C ALA B 227 10.01 -16.93 -25.37
N ALA B 228 9.02 -16.23 -25.91
CA ALA B 228 8.52 -16.48 -27.27
C ALA B 228 9.58 -16.19 -28.35
N GLY B 229 10.40 -15.16 -28.12
CA GLY B 229 11.51 -14.83 -29.02
C GLY B 229 12.54 -15.94 -29.13
N GLY B 230 12.76 -16.66 -28.03
CA GLY B 230 13.61 -17.85 -28.02
C GLY B 230 15.10 -17.60 -28.13
N GLN B 231 15.55 -16.38 -27.83
CA GLN B 231 16.96 -16.05 -27.88
C GLN B 231 17.67 -16.63 -26.66
N ALA B 232 18.81 -17.28 -26.89
CA ALA B 232 19.65 -17.81 -25.81
C ALA B 232 20.14 -16.70 -24.88
N ALA B 233 20.44 -15.53 -25.45
CA ALA B 233 20.88 -14.36 -24.70
C ALA B 233 19.90 -13.88 -23.62
N ASP B 234 18.61 -14.07 -23.83
CA ASP B 234 17.58 -13.60 -22.89
C ASP B 234 17.20 -14.59 -21.78
N GLN B 235 17.76 -15.80 -21.79
CA GLN B 235 17.35 -16.84 -20.83
C GLN B 235 17.66 -16.51 -19.36
N PRO B 236 18.81 -15.87 -19.07
CA PRO B 236 19.06 -15.40 -17.70
C PRO B 236 18.05 -14.36 -17.19
N SER B 237 17.63 -13.44 -18.07
CA SER B 237 16.61 -12.43 -17.72
C SER B 237 15.26 -13.04 -17.39
N ILE B 238 14.88 -14.08 -18.15
CA ILE B 238 13.61 -14.79 -17.93
C ILE B 238 13.60 -15.54 -16.60
N GLU B 239 14.69 -16.27 -16.30
CA GLU B 239 14.80 -16.99 -15.02
C GLU B 239 14.83 -16.04 -13.82
N GLN B 240 15.48 -14.88 -14.00
CA GLN B 240 15.45 -13.81 -12.99
C GLN B 240 14.03 -13.28 -12.75
N ALA B 241 13.26 -13.12 -13.82
CA ALA B 241 11.85 -12.73 -13.72
C ALA B 241 11.01 -13.80 -12.99
N VAL B 242 11.28 -15.07 -13.29
CA VAL B 242 10.57 -16.20 -12.63
C VAL B 242 10.93 -16.28 -11.13
N ALA B 243 12.20 -16.02 -10.81
CA ALA B 243 12.66 -15.96 -9.41
C ALA B 243 11.93 -14.86 -8.64
N TRP B 244 11.77 -13.69 -9.25
CA TRP B 244 10.98 -12.60 -8.67
C TRP B 244 9.53 -13.01 -8.44
N GLY B 245 8.92 -13.64 -9.44
CA GLY B 245 7.56 -14.16 -9.34
C GLY B 245 7.37 -15.15 -8.19
N LEU B 246 8.35 -16.03 -8.02
CA LEU B 246 8.35 -16.99 -6.92
C LEU B 246 8.37 -16.28 -5.55
N LYS B 247 9.23 -15.27 -5.42
CA LYS B 247 9.29 -14.41 -4.23
C LYS B 247 7.95 -13.69 -3.94
N ARG B 248 7.32 -13.17 -4.99
CA ARG B 248 6.05 -12.44 -4.85
C ARG B 248 4.86 -13.30 -4.41
N LEU B 249 4.88 -14.58 -4.74
CA LEU B 249 3.81 -15.50 -4.35
C LEU B 249 4.06 -16.02 -2.93
N CYS B 250 3.12 -15.72 -2.04
CA CYS B 250 3.17 -16.21 -0.65
C CYS B 250 3.01 -17.74 -0.59
N PRO B 251 3.36 -18.36 0.56
CA PRO B 251 3.12 -19.79 0.78
C PRO B 251 1.66 -20.23 0.56
N GLN B 252 0.70 -19.37 0.92
CA GLN B 252 -0.73 -19.69 0.81
C GLN B 252 -1.26 -19.64 -0.64
N GLY B 253 -0.47 -19.09 -1.56
CA GLY B 253 -0.76 -19.14 -3.00
C GLY B 253 -1.38 -17.89 -3.58
N PHE B 254 -1.00 -16.72 -3.05
CA PHE B 254 -1.46 -15.44 -3.59
C PHE B 254 -0.37 -14.36 -3.56
N VAL B 255 -0.50 -13.40 -4.46
CA VAL B 255 0.32 -12.18 -4.42
C VAL B 255 -0.44 -11.19 -3.54
N ALA B 256 0.15 -10.89 -2.38
CA ALA B 256 -0.40 -9.89 -1.47
C ALA B 256 -0.04 -8.49 -1.98
N THR B 257 -1.01 -7.57 -1.93
CA THR B 257 -0.78 -6.15 -2.26
C THR B 257 -1.16 -5.27 -1.07
N SER B 258 -0.83 -4.00 -1.17
CA SER B 258 -1.23 -3.01 -0.16
C SER B 258 -2.76 -2.93 -0.02
N LYS B 259 -3.44 -2.92 -1.17
CA LYS B 259 -4.91 -2.87 -1.20
C LYS B 259 -5.56 -4.20 -0.80
N HIS B 260 -4.98 -5.31 -1.26
CA HIS B 260 -5.47 -6.65 -0.92
C HIS B 260 -4.38 -7.45 -0.20
N PRO B 261 -4.20 -7.23 1.11
CA PRO B 261 -3.16 -7.97 1.88
C PRO B 261 -3.36 -9.49 1.93
N ASN B 262 -4.61 -9.95 1.81
CA ASN B 262 -4.92 -11.38 1.72
C ASN B 262 -5.03 -11.92 0.27
N GLY B 263 -4.50 -11.17 -0.69
CA GLY B 263 -4.35 -11.66 -2.06
C GLY B 263 -5.15 -10.91 -3.12
N SER B 264 -4.47 -10.52 -4.19
CA SER B 264 -5.11 -9.90 -5.37
C SER B 264 -5.29 -10.99 -6.42
N THR B 265 -6.52 -11.16 -6.91
CA THR B 265 -6.81 -12.14 -7.94
C THR B 265 -6.14 -11.80 -9.28
N PHE B 266 -6.18 -10.51 -9.65
CA PHE B 266 -5.56 -10.02 -10.89
C PHE B 266 -4.05 -10.22 -10.89
N ALA B 267 -3.39 -9.76 -9.82
CA ALA B 267 -1.94 -9.89 -9.70
C ALA B 267 -1.48 -11.35 -9.59
N THR B 268 -2.28 -12.19 -8.93
CA THR B 268 -1.99 -13.62 -8.77
C THR B 268 -2.11 -14.37 -10.10
N ALA B 269 -3.15 -14.06 -10.87
CA ALA B 269 -3.34 -14.61 -12.22
C ALA B 269 -2.13 -14.31 -13.12
N TRP B 270 -1.67 -13.07 -13.11
CA TRP B 270 -0.49 -12.69 -13.90
C TRP B 270 0.80 -13.33 -13.40
N CYS B 271 0.95 -13.45 -12.07
CA CYS B 271 2.11 -14.14 -11.50
C CYS B 271 2.11 -15.63 -11.87
N LEU B 272 0.92 -16.25 -11.85
CA LEU B 272 0.77 -17.64 -12.29
C LEU B 272 1.24 -17.82 -13.75
N ARG B 273 0.84 -16.92 -14.63
CA ARG B 273 1.34 -16.93 -16.02
C ARG B 273 2.86 -16.81 -16.11
N LEU B 274 3.44 -15.93 -15.29
CA LEU B 274 4.90 -15.78 -15.20
C LEU B 274 5.62 -17.08 -14.78
N LEU B 275 5.04 -17.78 -13.80
CA LEU B 275 5.61 -19.04 -13.29
C LEU B 275 5.51 -20.23 -14.26
N LEU B 276 4.68 -20.13 -15.30
CA LEU B 276 4.63 -21.14 -16.36
C LEU B 276 5.86 -21.16 -17.27
N LEU B 277 6.65 -20.08 -17.25
CA LEU B 277 7.86 -19.99 -18.07
C LEU B 277 9.02 -20.87 -17.60
N ASN B 278 8.95 -21.39 -16.37
CA ASN B 278 9.84 -22.47 -15.92
C ASN B 278 9.01 -23.74 -15.71
N THR B 279 9.28 -24.76 -16.54
CA THR B 279 8.50 -26.00 -16.56
C THR B 279 9.15 -27.18 -15.80
N VAL B 280 10.40 -27.03 -15.38
CA VAL B 280 11.18 -28.14 -14.77
C VAL B 280 11.38 -28.06 -13.25
N ASP B 281 11.53 -26.84 -12.72
CA ASP B 281 11.88 -26.65 -11.29
C ASP B 281 10.75 -27.09 -10.36
N ALA B 282 11.11 -27.77 -9.28
CA ALA B 282 10.16 -28.37 -8.35
C ALA B 282 9.42 -27.33 -7.51
N GLU B 283 10.17 -26.36 -6.97
CA GLU B 283 9.59 -25.26 -6.19
C GLU B 283 8.61 -24.41 -6.99
N VAL B 284 8.93 -24.16 -8.26
CA VAL B 284 8.06 -23.38 -9.17
C VAL B 284 6.76 -24.13 -9.45
N LYS B 285 6.86 -25.44 -9.69
CA LYS B 285 5.69 -26.30 -9.89
C LYS B 285 4.75 -26.28 -8.68
N ALA B 286 5.31 -26.41 -7.47
CA ALA B 286 4.53 -26.34 -6.24
C ALA B 286 3.88 -24.96 -6.01
N ALA B 287 4.59 -23.90 -6.39
CA ALA B 287 4.07 -22.53 -6.30
C ALA B 287 2.88 -22.29 -7.24
N ARG B 288 2.94 -22.80 -8.46
CA ARG B 288 1.82 -22.76 -9.40
C ARG B 288 0.59 -23.50 -8.85
N ALA B 289 0.82 -24.67 -8.26
CA ALA B 289 -0.26 -25.50 -7.68
C ALA B 289 -0.97 -24.79 -6.53
N ALA B 290 -0.20 -24.11 -5.68
CA ALA B 290 -0.76 -23.30 -4.59
C ALA B 290 -1.55 -22.11 -5.14
N ALA B 291 -1.01 -21.46 -6.18
CA ALA B 291 -1.69 -20.34 -6.86
C ALA B 291 -3.01 -20.78 -7.49
N ILE B 292 -2.99 -21.91 -8.18
CA ILE B 292 -4.21 -22.50 -8.75
C ILE B 292 -5.24 -22.79 -7.65
N GLY B 293 -4.79 -23.44 -6.57
CA GLY B 293 -5.67 -23.78 -5.44
C GLY B 293 -6.36 -22.60 -4.80
N TRP B 294 -5.61 -21.51 -4.58
CA TRP B 294 -6.16 -20.29 -4.00
C TRP B 294 -7.17 -19.63 -4.93
N LEU B 295 -6.83 -19.52 -6.21
CA LEU B 295 -7.75 -18.93 -7.20
C LEU B 295 -9.09 -19.68 -7.29
N LEU B 296 -9.04 -21.01 -7.22
CA LEU B 296 -10.26 -21.83 -7.17
C LEU B 296 -11.14 -21.49 -5.97
N GLU B 297 -10.53 -21.39 -4.78
CA GLU B 297 -11.24 -21.02 -3.55
C GLU B 297 -11.91 -19.65 -3.60
N GLN B 298 -11.27 -18.69 -4.26
CA GLN B 298 -11.76 -17.29 -4.33
C GLN B 298 -12.87 -17.04 -5.35
N GLN B 299 -13.08 -17.97 -6.28
CA GLN B 299 -14.11 -17.79 -7.32
C GLN B 299 -15.50 -17.67 -6.70
N ARG B 300 -16.28 -16.71 -7.19
CA ARG B 300 -17.64 -16.46 -6.70
C ARG B 300 -18.61 -17.52 -7.23
N PRO B 301 -19.80 -17.64 -6.60
CA PRO B 301 -20.88 -18.51 -7.10
C PRO B 301 -21.26 -18.32 -8.57
N ASN B 302 -21.31 -17.07 -9.03
CA ASN B 302 -21.67 -16.77 -10.43
C ASN B 302 -20.56 -17.03 -11.47
N GLY B 303 -19.39 -17.50 -11.03
CA GLY B 303 -18.28 -17.84 -11.94
C GLY B 303 -17.20 -16.78 -12.06
N SER B 304 -17.46 -15.56 -11.61
CA SER B 304 -16.50 -14.46 -11.69
C SER B 304 -15.55 -14.48 -10.51
N TRP B 305 -14.50 -13.67 -10.61
CA TRP B 305 -13.64 -13.32 -9.46
C TRP B 305 -13.86 -11.84 -9.12
N VAL B 306 -13.56 -11.49 -7.86
CA VAL B 306 -13.76 -10.13 -7.36
C VAL B 306 -12.81 -9.17 -8.08
N SER B 307 -13.30 -7.98 -8.42
CA SER B 307 -12.55 -6.99 -9.19
C SER B 307 -11.24 -6.59 -8.52
N SER B 308 -10.14 -6.74 -9.25
CA SER B 308 -8.82 -6.29 -8.77
C SER B 308 -7.90 -5.74 -9.87
N ALA B 309 -8.45 -5.41 -11.04
CA ALA B 309 -7.67 -4.87 -12.14
C ALA B 309 -7.55 -3.36 -11.97
N TYR B 310 -6.57 -2.94 -11.17
CA TYR B 310 -6.41 -1.53 -10.80
C TYR B 310 -5.61 -0.76 -11.86
N LEU B 311 -6.32 0.11 -12.58
CA LEU B 311 -5.76 1.00 -13.57
C LEU B 311 -5.60 2.37 -12.91
N ARG B 312 -4.41 2.96 -13.02
CA ARG B 312 -4.16 4.27 -12.44
C ARG B 312 -4.04 5.33 -13.54
N ILE B 313 -4.47 6.55 -13.21
CA ILE B 313 -4.45 7.69 -14.12
C ILE B 313 -3.46 8.72 -13.58
N PRO B 314 -2.21 8.71 -14.10
CA PRO B 314 -1.28 9.76 -13.70
C PRO B 314 -1.64 11.11 -14.33
N TYR B 315 -1.10 12.18 -13.77
CA TYR B 315 -1.15 13.48 -14.42
C TYR B 315 -0.48 13.35 -15.79
N PRO B 316 -0.95 14.10 -16.82
CA PRO B 316 -0.35 13.97 -18.17
C PRO B 316 1.16 14.25 -18.27
N PHE B 317 1.68 15.03 -17.32
CA PHE B 317 3.11 15.39 -17.27
C PHE B 317 3.98 14.42 -16.46
N ASP B 318 3.37 13.46 -15.76
CA ASP B 318 4.08 12.56 -14.85
C ASP B 318 4.78 11.43 -15.60
N ARG B 319 6.11 11.52 -15.70
CA ARG B 319 6.92 10.50 -16.38
C ARG B 319 7.24 9.32 -15.47
N ASN B 320 6.95 9.43 -14.17
CA ASN B 320 7.39 8.45 -13.18
C ASN B 320 6.27 8.11 -12.17
N PRO B 321 5.16 7.50 -12.65
CA PRO B 321 4.04 7.14 -11.75
C PRO B 321 4.39 6.18 -10.60
N ASN B 322 5.40 5.35 -10.77
CA ASN B 322 5.87 4.44 -9.70
C ASN B 322 6.55 5.16 -8.53
N GLN B 323 6.85 6.45 -8.69
CA GLN B 323 7.31 7.31 -7.60
C GLN B 323 6.30 8.45 -7.29
N PHE B 324 5.01 8.16 -7.46
CA PHE B 324 3.93 9.06 -7.09
C PHE B 324 3.27 8.47 -5.84
N PRO B 325 3.52 9.09 -4.66
CA PRO B 325 3.04 8.48 -3.41
C PRO B 325 1.59 8.80 -3.01
N HIS B 326 0.85 9.56 -3.82
CA HIS B 326 -0.46 10.10 -3.41
C HIS B 326 -1.68 9.38 -4.00
N TRP B 327 -1.49 8.16 -4.54
CA TRP B 327 -2.60 7.44 -5.19
C TRP B 327 -3.75 7.24 -4.22
N ARG B 328 -4.96 7.49 -4.70
CA ARG B 328 -6.20 7.19 -3.97
C ARG B 328 -7.14 6.47 -4.92
N TYR B 329 -8.11 5.74 -4.37
CA TYR B 329 -9.07 5.01 -5.18
C TYR B 329 -10.27 5.92 -5.45
N TYR B 330 -10.54 6.16 -6.74
CA TYR B 330 -11.52 7.16 -7.18
C TYR B 330 -12.90 7.00 -6.53
N ASP B 331 -13.37 5.75 -6.45
CA ASP B 331 -14.68 5.43 -5.87
C ASP B 331 -14.81 5.78 -4.38
N GLU B 332 -13.68 5.81 -3.66
CA GLU B 332 -13.66 6.04 -2.22
C GLU B 332 -13.49 7.51 -1.81
N ILE B 333 -13.27 8.40 -2.79
CA ILE B 333 -13.08 9.82 -2.52
C ILE B 333 -14.44 10.50 -2.35
N GLU B 334 -14.67 11.14 -1.20
CA GLU B 334 -15.86 11.95 -0.95
C GLU B 334 -15.70 13.36 -1.51
N GLY B 335 -16.83 14.00 -1.83
CA GLY B 335 -16.83 15.37 -2.32
C GLY B 335 -16.33 15.50 -3.75
N ASP B 336 -15.79 16.68 -4.06
CA ASP B 336 -15.28 16.98 -5.41
C ASP B 336 -14.00 16.20 -5.69
N LYS B 337 -13.85 15.75 -6.93
CA LYS B 337 -12.72 14.89 -7.30
C LYS B 337 -12.43 14.89 -8.80
N ARG B 338 -11.21 14.47 -9.13
CA ARG B 338 -10.80 14.28 -10.52
C ARG B 338 -10.07 12.94 -10.68
N PHE B 339 -9.88 12.54 -11.93
CA PHE B 339 -9.27 11.24 -12.25
C PHE B 339 -7.75 11.22 -12.08
N GLU B 340 -7.09 12.36 -12.32
CA GLU B 340 -5.63 12.43 -12.23
C GLU B 340 -5.17 12.17 -10.79
N GLY B 341 -4.19 11.27 -10.65
CA GLY B 341 -3.72 10.82 -9.34
C GLY B 341 -4.65 9.85 -8.63
N SER B 342 -5.60 9.27 -9.36
CA SER B 342 -6.55 8.30 -8.80
C SER B 342 -6.41 6.94 -9.48
N ILE B 343 -7.06 5.94 -8.89
CA ILE B 343 -7.05 4.56 -9.38
C ILE B 343 -8.49 4.11 -9.59
N ILE B 344 -8.79 3.61 -10.79
CA ILE B 344 -10.11 3.03 -11.11
C ILE B 344 -9.99 1.52 -11.26
N PHE B 345 -11.12 0.82 -11.14
CA PHE B 345 -11.16 -0.65 -11.29
C PHE B 345 -12.23 -1.14 -12.26
N ASP B 346 -12.12 -2.42 -12.59
CA ASP B 346 -13.07 -3.10 -13.47
C ASP B 346 -14.36 -3.43 -12.72
N HIS B 347 -15.28 -2.47 -12.73
CA HIS B 347 -16.51 -2.54 -11.91
C HIS B 347 -17.45 -3.72 -12.20
N ASN B 348 -17.44 -4.23 -13.44
CA ASN B 348 -18.20 -5.43 -13.81
C ASN B 348 -17.48 -6.76 -13.52
N SER B 349 -16.23 -6.71 -13.05
CA SER B 349 -15.38 -7.89 -12.80
C SER B 349 -15.01 -8.72 -14.06
N ILE B 350 -15.32 -8.20 -15.25
CA ILE B 350 -15.13 -8.93 -16.50
C ILE B 350 -13.65 -9.02 -16.85
N PHE B 351 -12.94 -7.90 -16.69
CA PHE B 351 -11.53 -7.80 -17.01
C PHE B 351 -10.69 -8.72 -16.12
N THR B 352 -11.00 -8.73 -14.82
CA THR B 352 -10.36 -9.65 -13.87
C THR B 352 -10.67 -11.11 -14.17
N THR B 353 -11.96 -11.42 -14.35
CA THR B 353 -12.41 -12.80 -14.60
C THR B 353 -11.77 -13.39 -15.87
N ALA B 354 -11.69 -12.58 -16.94
CA ALA B 354 -11.02 -12.99 -18.17
C ALA B 354 -9.54 -13.29 -17.96
N THR B 355 -8.89 -12.48 -17.12
CA THR B 355 -7.49 -12.69 -16.76
C THR B 355 -7.30 -14.01 -16.00
N VAL B 356 -8.12 -14.22 -14.98
CA VAL B 356 -7.98 -15.40 -14.13
C VAL B 356 -8.24 -16.70 -14.90
N VAL B 357 -9.32 -16.74 -15.69
CA VAL B 357 -9.66 -17.96 -16.44
C VAL B 357 -8.59 -18.32 -17.48
N ASN B 358 -8.01 -17.31 -18.12
CA ASN B 358 -6.88 -17.51 -19.02
C ASN B 358 -5.71 -18.19 -18.31
N SER B 359 -5.35 -17.69 -17.14
CA SER B 359 -4.25 -18.26 -16.36
C SER B 359 -4.51 -19.72 -15.98
N LEU B 360 -5.74 -20.05 -15.59
CA LEU B 360 -6.12 -21.41 -15.22
C LEU B 360 -6.05 -22.41 -16.39
N VAL B 361 -6.53 -21.98 -17.56
CA VAL B 361 -6.46 -22.80 -18.78
C VAL B 361 -5.00 -23.07 -19.18
N LYS B 362 -4.17 -22.03 -19.18
CA LYS B 362 -2.75 -22.18 -19.51
C LYS B 362 -1.98 -23.03 -18.50
N ALA B 363 -2.35 -22.94 -17.23
CA ALA B 363 -1.64 -23.64 -16.15
C ALA B 363 -2.04 -25.11 -15.96
N ALA B 364 -3.29 -25.45 -16.29
CA ALA B 364 -3.83 -26.81 -16.10
C ALA B 364 -2.93 -27.96 -16.61
N PRO B 365 -2.42 -27.88 -17.85
CA PRO B 365 -1.52 -28.94 -18.33
C PRO B 365 -0.20 -29.11 -17.54
N MET B 366 0.26 -28.05 -16.87
CA MET B 366 1.48 -28.09 -16.06
C MET B 366 1.22 -28.52 -14.60
N LEU B 367 -0.01 -28.92 -14.30
CA LEU B 367 -0.41 -29.30 -12.94
C LEU B 367 0.27 -30.59 -12.47
#